data_2G3F
#
_entry.id   2G3F
#
_cell.length_a   57.530
_cell.length_b   106.080
_cell.length_c   66.310
_cell.angle_alpha   90.00
_cell.angle_beta   90.20
_cell.angle_gamma   90.00
#
_symmetry.space_group_name_H-M   'P 1 21 1'
#
loop_
_entity.id
_entity.type
_entity.pdbx_description
1 polymer Imidazolonepropionase
2 non-polymer 'ZINC ION'
3 non-polymer '2H-IMIDAZOL-4-YLACETIC ACID'
4 water water
#
_entity_poly.entity_id   1
_entity_poly.type   'polypeptide(L)'
_entity_poly.pdbx_seq_one_letter_code
;MPKQIDTILINIGQLLTMESSGPRAGKSMQDLHVIEDAVVGIHEQKIVFAGQKGAEAGYEADEIIDCSGRLVTPGLVDPH
THLVFGGSREKEMNLKLQGISYLDILAQGGGILSTVKDTRAASEEELLQKAHFHLQRMLSYGTTTAEVKSGYGLEKETEL
KQLRVAKKLHESQPVDLVSTFMGAHAIPPEYQNDPDDFLDQMLSLLPEIKEQELASFADIFTETGVFTVSQSRRYLQKAA
EAGFGLKIHADEIDPLGGAELAGKLKAVSADHLVGTSDEGIKKLAEAGTIAVLLPGTTFYLGKSTYARARAMIDEGVCVS
LATDFNPGSSPTENIQLIMSIAALHLKMTAEEIWHAVTVNAAYAIGKGEEAGQLKAGRSADLVIWQAPNYMYIPYHYGVN
HVHQVMKNGTIVVNREGAILG
;
_entity_poly.pdbx_strand_id   A,B
#
# COMPACT_ATOMS: atom_id res chain seq x y z
N PRO A 2 27.99 -0.33 -3.92
CA PRO A 2 28.99 -1.19 -3.23
C PRO A 2 28.55 -1.50 -1.80
N LYS A 3 28.98 -2.64 -1.27
CA LYS A 3 28.62 -3.04 0.09
C LYS A 3 29.43 -2.32 1.15
N GLN A 4 29.38 -0.99 1.09
CA GLN A 4 30.08 -0.11 2.00
C GLN A 4 29.01 0.79 2.61
N ILE A 5 28.61 0.48 3.84
CA ILE A 5 27.55 1.24 4.49
C ILE A 5 27.90 1.85 5.85
N ASP A 6 27.08 2.82 6.25
CA ASP A 6 27.26 3.56 7.50
C ASP A 6 27.17 2.76 8.80
N THR A 7 26.08 2.02 8.96
CA THR A 7 25.83 1.30 10.20
C THR A 7 25.24 -0.10 10.06
N ILE A 8 25.52 -0.93 11.05
CA ILE A 8 24.99 -2.29 11.11
C ILE A 8 24.72 -2.69 12.56
N LEU A 9 23.51 -3.15 12.82
CA LEU A 9 23.18 -3.61 14.16
C LEU A 9 23.38 -5.12 14.13
N ILE A 10 24.13 -5.65 15.10
CA ILE A 10 24.36 -7.09 15.13
C ILE A 10 23.85 -7.69 16.43
N ASN A 11 23.80 -9.01 16.48
CA ASN A 11 23.35 -9.73 17.66
C ASN A 11 22.01 -9.21 18.19
N ILE A 12 21.02 -9.16 17.30
CA ILE A 12 19.68 -8.73 17.67
C ILE A 12 18.96 -10.00 18.10
N GLY A 13 18.55 -10.06 19.35
CA GLY A 13 17.87 -11.24 19.83
C GLY A 13 16.60 -11.53 19.05
N GLN A 14 15.81 -10.50 18.84
CA GLN A 14 14.55 -10.66 18.12
C GLN A 14 14.31 -9.41 17.28
N LEU A 15 14.02 -9.60 16.00
CA LEU A 15 13.80 -8.49 15.08
C LEU A 15 12.41 -8.55 14.46
N LEU A 16 11.67 -7.45 14.57
CA LEU A 16 10.32 -7.38 13.99
C LEU A 16 10.38 -6.35 12.86
N THR A 17 10.35 -6.81 11.62
CA THR A 17 10.40 -5.89 10.49
C THR A 17 9.03 -5.33 10.17
N MET A 18 7.98 -6.07 10.52
CA MET A 18 6.62 -5.65 10.25
C MET A 18 6.39 -5.55 8.75
N GLU A 19 7.25 -6.18 7.96
CA GLU A 19 7.11 -6.09 6.51
C GLU A 19 5.71 -6.50 6.08
N SER A 20 5.05 -5.62 5.33
CA SER A 20 3.71 -5.85 4.85
C SER A 20 3.53 -5.17 3.50
N SER A 21 2.49 -5.55 2.77
CA SER A 21 2.23 -4.96 1.47
C SER A 21 1.06 -3.97 1.57
N GLY A 22 0.56 -3.81 2.79
CA GLY A 22 -0.55 -2.90 3.02
C GLY A 22 -1.00 -3.01 4.47
N PRO A 23 -2.04 -2.27 4.88
CA PRO A 23 -2.50 -2.34 6.27
C PRO A 23 -2.92 -3.77 6.61
N ARG A 24 -2.86 -4.14 7.88
CA ARG A 24 -3.23 -5.49 8.28
C ARG A 24 -4.60 -5.55 8.93
N ALA A 25 -5.50 -6.29 8.30
CA ALA A 25 -6.86 -6.43 8.79
C ALA A 25 -7.17 -7.85 9.21
N GLY A 26 -8.13 -7.98 10.13
CA GLY A 26 -8.55 -9.28 10.60
C GLY A 26 -7.41 -10.19 10.98
N LYS A 27 -7.46 -11.43 10.49
CA LYS A 27 -6.44 -12.43 10.80
C LYS A 27 -5.00 -12.02 10.49
N SER A 28 -4.79 -11.21 9.46
CA SER A 28 -3.42 -10.83 9.14
C SER A 28 -2.74 -10.08 10.29
N MET A 29 -3.53 -9.51 11.19
CA MET A 29 -2.97 -8.79 12.32
C MET A 29 -2.25 -9.73 13.28
N GLN A 30 -2.62 -11.00 13.23
CA GLN A 30 -2.03 -12.01 14.11
C GLN A 30 -0.76 -12.60 13.53
N ASP A 31 -0.60 -12.47 12.23
CA ASP A 31 0.56 -13.04 11.53
C ASP A 31 1.85 -12.23 11.66
N LEU A 32 2.41 -12.20 12.87
CA LEU A 32 3.65 -11.46 13.13
C LEU A 32 4.89 -12.24 12.74
N HIS A 33 5.70 -11.67 11.85
CA HIS A 33 6.93 -12.34 11.45
C HIS A 33 8.05 -12.03 12.42
N VAL A 34 8.52 -13.05 13.13
CA VAL A 34 9.57 -12.89 14.12
C VAL A 34 10.90 -13.53 13.69
N ILE A 35 11.96 -12.73 13.64
CA ILE A 35 13.27 -13.25 13.25
C ILE A 35 14.21 -13.28 14.46
N GLU A 36 14.76 -14.46 14.74
CA GLU A 36 15.67 -14.64 15.87
C GLU A 36 17.12 -14.48 15.41
N ASP A 37 17.96 -13.89 16.25
CA ASP A 37 19.36 -13.69 15.91
C ASP A 37 19.43 -12.96 14.57
N ALA A 38 19.13 -11.67 14.59
CA ALA A 38 19.09 -10.89 13.36
C ALA A 38 20.08 -9.75 13.24
N VAL A 39 20.03 -9.09 12.10
CA VAL A 39 20.92 -7.97 11.79
C VAL A 39 20.17 -6.91 10.98
N VAL A 40 20.63 -5.66 11.08
CA VAL A 40 20.03 -4.57 10.33
C VAL A 40 21.13 -3.68 9.75
N GLY A 41 21.07 -3.46 8.44
CA GLY A 41 22.07 -2.62 7.78
C GLY A 41 21.50 -1.27 7.42
N ILE A 42 22.25 -0.22 7.73
CA ILE A 42 21.81 1.14 7.45
C ILE A 42 22.84 1.98 6.72
N HIS A 43 22.39 2.73 5.73
CA HIS A 43 23.27 3.60 4.97
C HIS A 43 22.54 4.84 4.50
N GLU A 44 23.18 5.99 4.66
CA GLU A 44 22.59 7.27 4.26
C GLU A 44 21.16 7.44 4.77
N GLN A 45 20.96 7.14 6.04
CA GLN A 45 19.67 7.30 6.69
C GLN A 45 18.60 6.28 6.32
N LYS A 46 18.92 5.37 5.40
CA LYS A 46 17.95 4.37 4.96
C LYS A 46 18.32 2.95 5.31
N ILE A 47 17.32 2.09 5.38
CA ILE A 47 17.53 0.68 5.67
C ILE A 47 18.05 -0.01 4.41
N VAL A 48 19.14 -0.76 4.52
CA VAL A 48 19.69 -1.48 3.38
C VAL A 48 19.22 -2.91 3.46
N PHE A 49 19.30 -3.49 4.65
CA PHE A 49 18.84 -4.87 4.87
C PHE A 49 18.43 -5.04 6.33
N ALA A 50 17.56 -6.01 6.57
CA ALA A 50 17.09 -6.30 7.92
C ALA A 50 16.53 -7.71 7.90
N GLY A 51 17.27 -8.64 8.50
CA GLY A 51 16.83 -10.01 8.52
C GLY A 51 17.78 -10.90 9.29
N GLN A 52 17.79 -12.17 8.93
CA GLN A 52 18.63 -13.17 9.59
C GLN A 52 20.11 -12.88 9.53
N LYS A 53 20.81 -13.26 10.59
CA LYS A 53 22.25 -13.08 10.66
C LYS A 53 22.81 -13.70 9.39
N GLY A 54 23.73 -12.99 8.73
CA GLY A 54 24.30 -13.48 7.49
C GLY A 54 24.07 -12.49 6.37
N ALA A 55 22.94 -11.78 6.43
CA ALA A 55 22.60 -10.80 5.42
C ALA A 55 23.65 -9.71 5.34
N GLU A 56 24.44 -9.58 6.40
CA GLU A 56 25.48 -8.56 6.44
C GLU A 56 26.76 -9.04 5.75
N ALA A 57 26.72 -10.25 5.20
CA ALA A 57 27.89 -10.83 4.54
C ALA A 57 28.46 -9.92 3.45
N GLY A 58 29.77 -9.71 3.49
CA GLY A 58 30.41 -8.89 2.47
C GLY A 58 30.35 -7.40 2.71
N TYR A 59 29.56 -6.97 3.69
CA TYR A 59 29.44 -5.55 3.99
C TYR A 59 30.49 -5.02 4.94
N GLU A 60 30.94 -3.80 4.70
CA GLU A 60 31.90 -3.16 5.60
C GLU A 60 31.15 -1.95 6.15
N ALA A 61 31.06 -1.89 7.48
CA ALA A 61 30.34 -0.80 8.13
C ALA A 61 31.24 0.06 9.00
N ASP A 62 30.89 1.34 9.08
CA ASP A 62 31.67 2.29 9.89
C ASP A 62 31.30 2.22 11.36
N GLU A 63 30.07 1.83 11.64
CA GLU A 63 29.60 1.74 13.01
C GLU A 63 28.86 0.43 13.21
N ILE A 64 29.37 -0.40 14.11
CA ILE A 64 28.75 -1.68 14.40
C ILE A 64 28.10 -1.60 15.77
N ILE A 65 26.79 -1.78 15.82
CA ILE A 65 26.07 -1.71 17.08
C ILE A 65 25.63 -3.08 17.57
N ASP A 66 26.27 -3.53 18.65
CA ASP A 66 25.96 -4.82 19.25
C ASP A 66 24.71 -4.61 20.11
N CYS A 67 23.62 -5.28 19.73
CA CYS A 67 22.37 -5.13 20.46
C CYS A 67 22.21 -6.06 21.65
N SER A 68 23.26 -6.81 21.95
CA SER A 68 23.27 -7.72 23.10
C SER A 68 22.01 -8.57 23.25
N GLY A 69 21.55 -9.18 22.16
CA GLY A 69 20.36 -10.02 22.22
C GLY A 69 19.06 -9.29 22.50
N ARG A 70 19.05 -7.98 22.33
CA ARG A 70 17.85 -7.18 22.58
C ARG A 70 16.83 -7.25 21.45
N LEU A 71 15.62 -6.81 21.75
CA LEU A 71 14.54 -6.77 20.77
C LEU A 71 14.68 -5.49 19.97
N VAL A 72 14.48 -5.61 18.65
CA VAL A 72 14.56 -4.45 17.76
C VAL A 72 13.31 -4.44 16.89
N THR A 73 12.69 -3.27 16.76
CA THR A 73 11.46 -3.12 15.97
C THR A 73 11.49 -1.76 15.32
N PRO A 74 10.55 -1.49 14.41
CA PRO A 74 10.52 -0.18 13.75
C PRO A 74 10.17 0.84 14.83
N GLY A 75 10.41 2.11 14.55
CA GLY A 75 10.04 3.14 15.51
C GLY A 75 8.52 3.11 15.60
N LEU A 76 7.96 3.40 16.77
CA LEU A 76 6.51 3.36 16.92
C LEU A 76 5.81 4.56 16.27
N VAL A 77 4.55 4.35 15.91
CA VAL A 77 3.74 5.39 15.29
C VAL A 77 2.53 5.69 16.16
N ASP A 78 2.37 6.95 16.57
CA ASP A 78 1.23 7.37 17.38
C ASP A 78 0.36 8.16 16.42
N PRO A 79 -0.62 7.47 15.80
CA PRO A 79 -1.57 8.01 14.82
C PRO A 79 -2.69 8.93 15.26
N HIS A 80 -2.67 9.40 16.50
CA HIS A 80 -3.75 10.25 16.96
C HIS A 80 -3.41 11.00 18.24
N THR A 81 -3.08 12.29 18.11
CA THR A 81 -2.77 13.13 19.27
C THR A 81 -3.24 14.56 19.05
N HIS A 82 -3.36 15.30 20.16
CA HIS A 82 -3.75 16.71 20.14
C HIS A 82 -2.59 17.42 20.83
N LEU A 83 -1.38 17.10 20.37
CA LEU A 83 -0.14 17.62 20.93
C LEU A 83 -0.07 19.11 21.30
N VAL A 84 -0.43 19.97 20.36
CA VAL A 84 -0.37 21.41 20.60
C VAL A 84 -1.55 21.93 21.41
N PHE A 85 -1.29 22.41 22.62
CA PHE A 85 -2.34 22.93 23.48
C PHE A 85 -1.78 23.76 24.62
N GLY A 86 -2.57 24.72 25.07
CA GLY A 86 -2.16 25.57 26.18
C GLY A 86 -2.77 25.11 27.49
N GLY A 87 -2.10 25.43 28.59
CA GLY A 87 -2.60 25.05 29.89
C GLY A 87 -2.70 23.55 30.11
N SER A 88 -3.39 23.15 31.18
CA SER A 88 -3.59 21.75 31.50
C SER A 88 -4.93 21.66 32.24
N ARG A 89 -5.53 20.47 32.29
CA ARG A 89 -6.84 20.34 32.94
C ARG A 89 -6.84 19.60 34.28
N GLU A 90 -5.75 19.68 35.04
CA GLU A 90 -5.73 18.97 36.32
C GLU A 90 -6.84 19.42 37.27
N LYS A 91 -7.21 20.69 37.21
CA LYS A 91 -8.26 21.18 38.10
C LYS A 91 -9.65 20.62 37.78
N GLU A 92 -9.74 19.82 36.73
CA GLU A 92 -11.01 19.21 36.35
C GLU A 92 -11.16 17.82 36.97
N MET A 93 -10.08 17.29 37.54
CA MET A 93 -10.09 15.97 38.16
C MET A 93 -11.21 15.80 39.17
N ASN A 94 -11.42 16.83 40.00
CA ASN A 94 -12.46 16.79 41.03
C ASN A 94 -13.85 16.73 40.42
N LEU A 95 -14.06 17.38 39.27
CA LEU A 95 -15.36 17.35 38.62
C LEU A 95 -15.68 15.93 38.21
N LYS A 96 -14.70 15.24 37.65
CA LYS A 96 -14.88 13.86 37.22
C LYS A 96 -15.11 12.97 38.44
N LEU A 97 -14.33 13.19 39.48
CA LEU A 97 -14.46 12.42 40.73
C LEU A 97 -15.87 12.60 41.28
N GLN A 98 -16.41 13.81 41.12
CA GLN A 98 -17.75 14.12 41.60
C GLN A 98 -18.81 13.46 40.73
N GLY A 99 -18.38 12.70 39.74
CA GLY A 99 -19.31 12.01 38.86
C GLY A 99 -19.90 12.80 37.72
N ILE A 100 -19.32 13.95 37.39
CA ILE A 100 -19.83 14.75 36.28
C ILE A 100 -19.25 14.16 35.01
N SER A 101 -20.11 13.82 34.06
CA SER A 101 -19.68 13.23 32.81
C SER A 101 -18.82 14.16 31.97
N TYR A 102 -18.07 13.56 31.06
CA TYR A 102 -17.20 14.28 30.15
C TYR A 102 -18.03 15.33 29.38
N LEU A 103 -19.15 14.90 28.83
CA LEU A 103 -20.01 15.79 28.06
C LEU A 103 -20.69 16.88 28.89
N ASP A 104 -20.99 16.59 30.14
CA ASP A 104 -21.62 17.59 30.98
C ASP A 104 -20.61 18.69 31.34
N ILE A 105 -19.35 18.30 31.51
CA ILE A 105 -18.31 19.27 31.81
C ILE A 105 -18.21 20.19 30.60
N LEU A 106 -18.24 19.61 29.41
CA LEU A 106 -18.16 20.37 28.18
C LEU A 106 -19.36 21.31 28.03
N ALA A 107 -20.55 20.81 28.35
CA ALA A 107 -21.76 21.60 28.25
C ALA A 107 -21.75 22.75 29.26
N GLN A 108 -20.88 22.62 30.26
CA GLN A 108 -20.73 23.61 31.32
C GLN A 108 -19.75 24.71 30.88
N GLY A 109 -19.19 24.54 29.69
CA GLY A 109 -18.24 25.52 29.19
C GLY A 109 -16.81 25.11 29.49
N GLY A 110 -16.64 23.94 30.08
CA GLY A 110 -15.30 23.45 30.40
C GLY A 110 -14.79 22.47 29.38
N GLY A 111 -13.89 21.59 29.80
CA GLY A 111 -13.32 20.60 28.91
C GLY A 111 -12.56 21.23 27.75
N ILE A 112 -12.89 20.79 26.54
CA ILE A 112 -12.25 21.32 25.35
C ILE A 112 -12.30 22.85 25.36
N LEU A 113 -13.46 23.40 25.72
CA LEU A 113 -13.62 24.85 25.75
C LEU A 113 -12.71 25.50 26.79
N SER A 114 -12.30 24.74 27.80
CA SER A 114 -11.39 25.28 28.81
C SER A 114 -10.00 25.38 28.19
N THR A 115 -9.59 24.31 27.52
CA THR A 115 -8.28 24.27 26.88
C THR A 115 -8.24 25.30 25.74
N VAL A 116 -9.39 25.54 25.09
CA VAL A 116 -9.46 26.52 24.01
C VAL A 116 -9.05 27.89 24.55
N LYS A 117 -9.60 28.27 25.70
CA LYS A 117 -9.25 29.55 26.30
C LYS A 117 -7.75 29.64 26.51
N ASP A 118 -7.17 28.57 27.05
CA ASP A 118 -5.73 28.52 27.33
C ASP A 118 -4.88 28.58 26.06
N THR A 119 -5.27 27.78 25.06
CA THR A 119 -4.54 27.74 23.81
C THR A 119 -4.66 29.06 23.06
N ARG A 120 -5.84 29.67 23.09
CA ARG A 120 -6.02 30.95 22.43
C ARG A 120 -5.11 32.00 23.06
N ALA A 121 -5.00 31.96 24.39
CA ALA A 121 -4.20 32.92 25.13
C ALA A 121 -2.68 32.71 25.06
N ALA A 122 -2.25 31.46 24.97
CA ALA A 122 -0.82 31.18 24.91
C ALA A 122 -0.19 31.72 23.63
N SER A 123 1.02 32.25 23.74
CA SER A 123 1.70 32.79 22.58
C SER A 123 2.18 31.62 21.72
N GLU A 124 2.46 31.90 20.46
CA GLU A 124 2.94 30.86 19.55
C GLU A 124 4.24 30.27 20.09
N GLU A 125 5.07 31.12 20.68
CA GLU A 125 6.34 30.67 21.23
C GLU A 125 6.18 29.77 22.45
N GLU A 126 5.18 30.07 23.28
CA GLU A 126 4.94 29.26 24.47
C GLU A 126 4.42 27.88 24.08
N LEU A 127 3.54 27.84 23.08
CA LEU A 127 2.99 26.57 22.62
C LEU A 127 4.09 25.70 22.05
N LEU A 128 4.97 26.32 21.27
CA LEU A 128 6.08 25.61 20.66
C LEU A 128 6.97 25.00 21.74
N GLN A 129 7.27 25.77 22.77
CA GLN A 129 8.10 25.30 23.87
C GLN A 129 7.45 24.14 24.62
N LYS A 130 6.16 24.29 24.90
CA LYS A 130 5.41 23.27 25.62
C LYS A 130 5.27 21.99 24.79
N ALA A 131 5.01 22.14 23.51
CA ALA A 131 4.86 20.98 22.63
C ALA A 131 6.18 20.22 22.45
N HIS A 132 7.29 20.95 22.38
CA HIS A 132 8.60 20.33 22.21
C HIS A 132 8.91 19.37 23.36
N PHE A 133 8.55 19.81 24.56
CA PHE A 133 8.78 19.00 25.77
C PHE A 133 7.99 17.70 25.71
N HIS A 134 6.70 17.80 25.38
CA HIS A 134 5.87 16.60 25.32
C HIS A 134 6.28 15.71 24.17
N LEU A 135 6.59 16.32 23.02
CA LEU A 135 6.98 15.56 21.85
C LEU A 135 8.30 14.82 22.08
N GLN A 136 9.20 15.41 22.84
CA GLN A 136 10.48 14.74 23.09
C GLN A 136 10.24 13.56 24.03
N ARG A 137 9.28 13.70 24.95
CA ARG A 137 8.97 12.62 25.85
C ARG A 137 8.36 11.48 25.03
N MET A 138 7.52 11.84 24.06
CA MET A 138 6.90 10.85 23.19
C MET A 138 8.03 10.08 22.49
N LEU A 139 9.01 10.84 22.01
CA LEU A 139 10.17 10.29 21.32
C LEU A 139 10.90 9.31 22.22
N SER A 140 11.06 9.68 23.49
CA SER A 140 11.77 8.85 24.45
C SER A 140 11.09 7.50 24.71
N TYR A 141 9.80 7.42 24.40
CA TYR A 141 9.05 6.19 24.59
C TYR A 141 9.00 5.34 23.32
N GLY A 142 9.69 5.78 22.27
CA GLY A 142 9.72 5.03 21.03
C GLY A 142 8.96 5.57 19.83
N THR A 143 8.23 6.66 20.00
CA THR A 143 7.46 7.23 18.90
C THR A 143 8.34 8.08 17.99
N THR A 144 8.49 7.65 16.74
CA THR A 144 9.30 8.38 15.77
C THR A 144 8.48 9.05 14.68
N THR A 145 7.19 8.76 14.66
CA THR A 145 6.26 9.36 13.71
C THR A 145 4.95 9.52 14.46
N ALA A 146 4.33 10.70 14.36
CA ALA A 146 3.08 10.92 15.05
C ALA A 146 2.14 11.86 14.31
N GLU A 147 0.85 11.71 14.58
CA GLU A 147 -0.15 12.57 13.97
C GLU A 147 -0.54 13.56 15.06
N VAL A 148 -0.71 14.82 14.68
CA VAL A 148 -1.07 15.86 15.64
C VAL A 148 -2.22 16.68 15.09
N LYS A 149 -3.26 16.84 15.91
CA LYS A 149 -4.44 17.58 15.51
C LYS A 149 -4.51 18.95 16.14
N SER A 150 -5.11 19.89 15.41
CA SER A 150 -5.33 21.22 15.95
C SER A 150 -6.68 21.01 16.66
N GLY A 151 -7.44 22.07 16.89
CA GLY A 151 -8.72 21.87 17.53
C GLY A 151 -8.91 22.50 18.89
N TYR A 152 -8.00 23.38 19.28
CA TYR A 152 -8.12 24.07 20.55
C TYR A 152 -8.13 25.58 20.28
N GLY A 153 -8.55 25.92 19.07
CA GLY A 153 -8.64 27.32 18.66
C GLY A 153 -10.08 27.68 18.39
N LEU A 154 -10.73 26.89 17.54
CA LEU A 154 -12.13 27.12 17.19
C LEU A 154 -12.33 28.55 16.70
N GLU A 155 -11.33 29.04 15.97
CA GLU A 155 -11.32 30.38 15.39
C GLU A 155 -10.13 30.39 14.44
N LYS A 156 -10.15 31.29 13.47
CA LYS A 156 -9.07 31.38 12.49
C LYS A 156 -7.67 31.58 13.09
N GLU A 157 -7.52 32.61 13.91
CA GLU A 157 -6.21 32.93 14.50
C GLU A 157 -5.54 31.77 15.22
N THR A 158 -6.20 31.24 16.24
CA THR A 158 -5.63 30.18 17.04
C THR A 158 -5.45 28.85 16.29
N GLU A 159 -6.42 28.46 15.47
CA GLU A 159 -6.28 27.20 14.73
C GLU A 159 -5.04 27.29 13.85
N LEU A 160 -4.86 28.43 13.17
CA LEU A 160 -3.71 28.61 12.31
C LEU A 160 -2.42 28.60 13.12
N LYS A 161 -2.46 29.18 14.32
CA LYS A 161 -1.30 29.22 15.19
C LYS A 161 -0.90 27.79 15.55
N GLN A 162 -1.89 26.96 15.90
CA GLN A 162 -1.63 25.56 16.25
C GLN A 162 -0.97 24.82 15.09
N LEU A 163 -1.42 25.08 13.87
CA LEU A 163 -0.87 24.40 12.69
C LEU A 163 0.55 24.86 12.39
N ARG A 164 0.82 26.14 12.60
CA ARG A 164 2.16 26.66 12.35
C ARG A 164 3.12 26.05 13.35
N VAL A 165 2.67 25.91 14.60
CA VAL A 165 3.49 25.31 15.63
C VAL A 165 3.81 23.87 15.23
N ALA A 166 2.80 23.15 14.76
CA ALA A 166 3.01 21.77 14.34
C ALA A 166 4.08 21.73 13.25
N LYS A 167 4.02 22.68 12.32
CA LYS A 167 5.01 22.71 11.25
C LYS A 167 6.42 22.95 11.80
N LYS A 168 6.55 23.89 12.73
CA LYS A 168 7.85 24.19 13.33
C LYS A 168 8.43 22.96 14.02
N LEU A 169 7.61 22.32 14.86
CA LEU A 169 8.02 21.14 15.58
C LEU A 169 8.55 20.10 14.60
N HIS A 170 7.77 19.80 13.57
CA HIS A 170 8.17 18.81 12.58
C HIS A 170 9.52 19.10 11.95
N GLU A 171 9.80 20.37 11.69
CA GLU A 171 11.05 20.75 11.06
C GLU A 171 12.20 21.01 12.04
N SER A 172 11.92 21.00 13.34
CA SER A 172 12.98 21.27 14.32
C SER A 172 13.40 20.13 15.26
N GLN A 173 12.81 18.95 15.10
CA GLN A 173 13.21 17.83 15.94
C GLN A 173 13.01 16.53 15.16
N PRO A 174 13.55 15.41 15.67
CA PRO A 174 13.42 14.12 14.98
C PRO A 174 12.06 13.51 14.64
N VAL A 175 11.07 13.61 15.52
CA VAL A 175 9.78 13.01 15.21
C VAL A 175 9.10 13.59 13.97
N ASP A 176 8.73 12.71 13.03
CA ASP A 176 8.02 13.15 11.83
C ASP A 176 6.56 13.30 12.19
N LEU A 177 5.96 14.43 11.83
CA LEU A 177 4.57 14.67 12.18
C LEU A 177 3.62 14.79 11.01
N VAL A 178 2.41 14.29 11.20
CA VAL A 178 1.36 14.38 10.19
C VAL A 178 0.39 15.37 10.84
N SER A 179 0.04 16.43 10.12
CA SER A 179 -0.84 17.45 10.68
C SER A 179 -2.28 17.32 10.23
N THR A 180 -3.19 17.37 11.20
CA THR A 180 -4.61 17.28 10.94
C THR A 180 -5.33 18.52 11.44
N PHE A 181 -6.16 19.10 10.58
CA PHE A 181 -6.92 20.27 10.97
C PHE A 181 -8.21 19.80 11.62
N MET A 182 -8.42 20.16 12.87
CA MET A 182 -9.64 19.77 13.57
C MET A 182 -10.36 20.99 14.16
N GLY A 183 -10.52 22.03 13.34
CA GLY A 183 -11.20 23.23 13.79
C GLY A 183 -12.61 22.87 14.26
N ALA A 184 -13.14 21.77 13.74
CA ALA A 184 -14.47 21.29 14.11
C ALA A 184 -14.38 20.37 15.32
N HIS A 185 -13.77 20.84 16.41
CA HIS A 185 -13.61 20.04 17.62
C HIS A 185 -14.78 20.21 18.59
N ALA A 186 -15.27 21.44 18.69
CA ALA A 186 -16.39 21.75 19.58
C ALA A 186 -17.04 23.02 19.09
N ILE A 187 -18.19 23.36 19.68
CA ILE A 187 -18.89 24.57 19.30
C ILE A 187 -18.50 25.68 20.28
N PRO A 188 -17.76 26.68 19.80
CA PRO A 188 -17.32 27.79 20.67
C PRO A 188 -18.51 28.64 21.12
N PRO A 189 -18.36 29.32 22.27
CA PRO A 189 -19.43 30.17 22.82
C PRO A 189 -20.06 31.12 21.80
N GLU A 190 -19.24 31.78 20.99
CA GLU A 190 -19.77 32.71 20.01
C GLU A 190 -20.66 32.08 18.94
N TYR A 191 -20.70 30.75 18.87
CA TYR A 191 -21.53 30.07 17.88
C TYR A 191 -22.47 29.04 18.50
N GLN A 192 -22.66 29.10 19.81
CA GLN A 192 -23.52 28.15 20.52
C GLN A 192 -24.83 27.88 19.79
N ASN A 193 -25.46 28.93 19.30
CA ASN A 193 -26.75 28.80 18.62
C ASN A 193 -26.66 28.87 17.10
N ASP A 194 -25.52 28.49 16.55
CA ASP A 194 -25.33 28.50 15.10
C ASP A 194 -24.13 27.63 14.72
N PRO A 195 -24.18 26.34 15.12
CA PRO A 195 -23.10 25.41 14.81
C PRO A 195 -22.77 25.33 13.32
N ASP A 196 -23.79 25.28 12.47
CA ASP A 196 -23.58 25.19 11.03
C ASP A 196 -22.76 26.35 10.51
N ASP A 197 -23.01 27.55 11.04
CA ASP A 197 -22.26 28.71 10.60
C ASP A 197 -20.82 28.52 11.05
N PHE A 198 -20.64 28.03 12.28
CA PHE A 198 -19.29 27.79 12.78
C PHE A 198 -18.53 26.86 11.85
N LEU A 199 -19.17 25.77 11.44
CA LEU A 199 -18.54 24.82 10.54
C LEU A 199 -18.14 25.47 9.22
N ASP A 200 -19.00 26.35 8.69
CA ASP A 200 -18.68 27.02 7.44
C ASP A 200 -17.45 27.91 7.61
N GLN A 201 -17.31 28.50 8.78
CA GLN A 201 -16.16 29.38 9.05
C GLN A 201 -14.88 28.55 9.05
N MET A 202 -14.96 27.33 9.60
CA MET A 202 -13.80 26.45 9.65
C MET A 202 -13.49 26.01 8.22
N LEU A 203 -14.53 25.75 7.44
CA LEU A 203 -14.35 25.32 6.06
C LEU A 203 -13.66 26.42 5.25
N SER A 204 -13.97 27.68 5.55
CA SER A 204 -13.38 28.80 4.83
C SER A 204 -11.88 28.92 5.03
N LEU A 205 -11.35 28.17 6.00
CA LEU A 205 -9.92 28.20 6.29
C LEU A 205 -9.15 27.18 5.49
N LEU A 206 -9.84 26.19 4.94
CA LEU A 206 -9.19 25.13 4.17
C LEU A 206 -8.33 25.59 2.98
N PRO A 207 -8.80 26.56 2.19
CA PRO A 207 -7.98 26.99 1.06
C PRO A 207 -6.58 27.44 1.46
N GLU A 208 -6.47 28.31 2.45
CA GLU A 208 -5.14 28.78 2.86
C GLU A 208 -4.37 27.68 3.58
N ILE A 209 -5.06 26.83 4.35
CA ILE A 209 -4.37 25.74 5.04
C ILE A 209 -3.74 24.87 3.94
N LYS A 210 -4.50 24.64 2.87
CA LYS A 210 -4.00 23.85 1.76
C LYS A 210 -2.81 24.54 1.08
N GLU A 211 -2.96 25.82 0.78
CA GLU A 211 -1.92 26.60 0.12
C GLU A 211 -0.59 26.56 0.88
N GLN A 212 -0.67 26.70 2.19
CA GLN A 212 0.52 26.70 3.04
C GLN A 212 0.92 25.29 3.51
N GLU A 213 0.17 24.29 3.08
CA GLU A 213 0.46 22.91 3.46
C GLU A 213 0.57 22.74 4.97
N LEU A 214 -0.40 23.32 5.68
CA LEU A 214 -0.41 23.25 7.14
C LEU A 214 -1.12 22.02 7.70
N ALA A 215 -1.79 21.27 6.83
CA ALA A 215 -2.51 20.08 7.26
C ALA A 215 -2.87 19.20 6.07
N SER A 216 -2.89 17.89 6.29
CA SER A 216 -3.23 16.94 5.23
C SER A 216 -4.59 16.29 5.45
N PHE A 217 -5.10 16.37 6.67
CA PHE A 217 -6.40 15.79 6.99
C PHE A 217 -7.31 16.78 7.70
N ALA A 218 -8.61 16.47 7.71
CA ALA A 218 -9.61 17.27 8.39
C ALA A 218 -10.31 16.28 9.31
N ASP A 219 -10.55 16.69 10.55
CA ASP A 219 -11.19 15.82 11.55
C ASP A 219 -12.40 16.57 12.12
N ILE A 220 -13.23 15.85 12.87
CA ILE A 220 -14.43 16.43 13.47
C ILE A 220 -14.89 15.57 14.64
N PHE A 221 -15.49 16.19 15.64
CA PHE A 221 -15.99 15.47 16.81
C PHE A 221 -17.48 15.25 16.63
N THR A 222 -17.84 14.12 16.04
CA THR A 222 -19.25 13.79 15.81
C THR A 222 -19.76 13.15 17.09
N GLU A 223 -20.50 13.92 17.88
CA GLU A 223 -20.96 13.43 19.16
C GLU A 223 -22.16 14.20 19.67
N THR A 224 -22.85 13.64 20.64
CA THR A 224 -24.00 14.32 21.23
C THR A 224 -23.50 15.57 21.93
N GLY A 225 -24.20 16.68 21.74
CA GLY A 225 -23.79 17.92 22.36
C GLY A 225 -22.69 18.61 21.56
N VAL A 226 -22.32 18.03 20.43
CA VAL A 226 -21.29 18.62 19.59
C VAL A 226 -21.82 18.63 18.15
N PHE A 227 -21.19 17.92 17.24
CA PHE A 227 -21.69 17.91 15.86
C PHE A 227 -22.44 16.64 15.51
N THR A 228 -23.56 16.79 14.81
CA THR A 228 -24.38 15.66 14.40
C THR A 228 -23.77 14.94 13.21
N VAL A 229 -24.29 13.74 12.92
CA VAL A 229 -23.79 12.97 11.80
C VAL A 229 -24.08 13.73 10.52
N SER A 230 -25.25 14.35 10.47
CA SER A 230 -25.67 15.13 9.31
C SER A 230 -24.73 16.32 9.04
N GLN A 231 -24.39 17.06 10.08
CA GLN A 231 -23.48 18.20 9.93
C GLN A 231 -22.08 17.70 9.56
N SER A 232 -21.70 16.58 10.16
CA SER A 232 -20.38 16.00 9.91
C SER A 232 -20.23 15.53 8.47
N ARG A 233 -21.29 14.96 7.90
CA ARG A 233 -21.25 14.51 6.51
C ARG A 233 -20.99 15.71 5.61
N ARG A 234 -21.83 16.73 5.73
CA ARG A 234 -21.70 17.93 4.91
C ARG A 234 -20.30 18.55 5.05
N TYR A 235 -19.80 18.63 6.28
CA TYR A 235 -18.49 19.21 6.54
C TYR A 235 -17.36 18.40 5.91
N LEU A 236 -17.36 17.10 6.20
CA LEU A 236 -16.32 16.22 5.69
C LEU A 236 -16.33 16.12 4.16
N GLN A 237 -17.51 16.10 3.54
CA GLN A 237 -17.58 16.04 2.08
C GLN A 237 -16.94 17.30 1.52
N LYS A 238 -17.21 18.44 2.16
CA LYS A 238 -16.64 19.71 1.72
C LYS A 238 -15.13 19.62 1.87
N ALA A 239 -14.69 19.05 2.99
CA ALA A 239 -13.27 18.91 3.24
C ALA A 239 -12.60 18.05 2.16
N ALA A 240 -13.27 16.99 1.75
CA ALA A 240 -12.73 16.10 0.73
C ALA A 240 -12.62 16.83 -0.61
N GLU A 241 -13.64 17.62 -0.94
CA GLU A 241 -13.61 18.36 -2.20
C GLU A 241 -12.45 19.36 -2.16
N ALA A 242 -12.18 19.85 -0.96
CA ALA A 242 -11.10 20.82 -0.75
C ALA A 242 -9.71 20.15 -0.80
N GLY A 243 -9.69 18.84 -1.01
CA GLY A 243 -8.42 18.13 -1.10
C GLY A 243 -7.84 17.52 0.17
N PHE A 244 -8.61 17.45 1.25
CA PHE A 244 -8.08 16.89 2.49
C PHE A 244 -8.51 15.46 2.76
N GLY A 245 -7.64 14.70 3.41
CA GLY A 245 -7.98 13.34 3.78
C GLY A 245 -9.01 13.49 4.88
N LEU A 246 -9.77 12.43 5.15
CA LEU A 246 -10.82 12.48 6.18
C LEU A 246 -10.57 11.60 7.40
N LYS A 247 -10.82 12.16 8.57
CA LYS A 247 -10.69 11.47 9.85
C LYS A 247 -11.88 11.91 10.67
N ILE A 248 -12.22 11.14 11.70
CA ILE A 248 -13.37 11.49 12.51
C ILE A 248 -13.32 10.86 13.90
N HIS A 249 -13.75 11.63 14.91
CA HIS A 249 -13.85 11.13 16.28
C HIS A 249 -15.27 10.57 16.28
N ALA A 250 -15.39 9.26 16.10
CA ALA A 250 -16.68 8.62 16.00
C ALA A 250 -17.13 7.69 17.10
N ASP A 251 -18.42 7.75 17.39
CA ASP A 251 -19.05 6.91 18.41
C ASP A 251 -18.21 6.78 19.66
N GLU A 252 -17.68 7.90 20.14
CA GLU A 252 -16.85 7.86 21.34
C GLU A 252 -17.70 7.62 22.59
N ILE A 253 -18.79 8.36 22.69
CA ILE A 253 -19.67 8.27 23.85
C ILE A 253 -20.99 7.64 23.44
N ASP A 254 -21.76 8.34 22.61
CA ASP A 254 -23.05 7.79 22.15
C ASP A 254 -22.93 7.11 20.80
N PRO A 255 -23.78 6.10 20.55
CA PRO A 255 -23.80 5.34 19.29
C PRO A 255 -24.56 6.09 18.20
N LEU A 256 -23.95 7.14 17.66
CA LEU A 256 -24.60 7.95 16.64
C LEU A 256 -24.48 7.43 15.21
N GLY A 257 -23.48 6.61 14.94
CA GLY A 257 -23.30 6.10 13.61
C GLY A 257 -22.15 6.81 12.93
N GLY A 258 -21.18 7.25 13.73
CA GLY A 258 -20.03 7.95 13.20
C GLY A 258 -19.21 7.00 12.35
N ALA A 259 -19.12 5.75 12.80
CA ALA A 259 -18.37 4.73 12.09
C ALA A 259 -18.94 4.53 10.69
N GLU A 260 -20.25 4.36 10.59
CA GLU A 260 -20.89 4.16 9.29
C GLU A 260 -20.60 5.31 8.33
N LEU A 261 -20.63 6.53 8.84
CA LEU A 261 -20.35 7.70 8.01
C LEU A 261 -18.90 7.65 7.51
N ALA A 262 -17.98 7.36 8.41
CA ALA A 262 -16.56 7.28 8.06
C ALA A 262 -16.37 6.31 6.88
N GLY A 263 -16.99 5.14 6.99
CA GLY A 263 -16.88 4.14 5.94
C GLY A 263 -17.49 4.60 4.63
N LYS A 264 -18.64 5.26 4.70
CA LYS A 264 -19.30 5.77 3.51
C LYS A 264 -18.49 6.85 2.82
N LEU A 265 -17.78 7.66 3.61
CA LEU A 265 -16.97 8.73 3.05
C LEU A 265 -15.54 8.28 2.73
N LYS A 266 -15.27 7.00 2.92
CA LYS A 266 -13.94 6.45 2.67
C LYS A 266 -12.87 7.19 3.45
N ALA A 267 -13.16 7.52 4.71
CA ALA A 267 -12.20 8.20 5.55
C ALA A 267 -10.96 7.32 5.70
N VAL A 268 -9.82 7.92 5.99
CA VAL A 268 -8.60 7.14 6.16
C VAL A 268 -8.73 6.40 7.50
N SER A 269 -9.36 7.04 8.48
CA SER A 269 -9.55 6.41 9.79
C SER A 269 -10.77 6.93 10.55
N ALA A 270 -11.24 6.11 11.48
CA ALA A 270 -12.35 6.44 12.37
C ALA A 270 -11.70 6.16 13.70
N ASP A 271 -11.81 7.11 14.62
CA ASP A 271 -11.14 7.00 15.92
C ASP A 271 -12.09 6.97 17.14
N HIS A 272 -11.69 6.20 18.15
CA HIS A 272 -12.45 5.99 19.40
C HIS A 272 -13.31 4.76 19.20
N LEU A 273 -14.49 4.96 18.59
CA LEU A 273 -15.41 3.86 18.27
C LEU A 273 -15.86 3.01 19.45
N VAL A 274 -16.05 3.62 20.62
CA VAL A 274 -16.46 2.87 21.79
C VAL A 274 -17.90 2.37 21.68
N GLY A 275 -18.79 3.22 21.18
CA GLY A 275 -20.19 2.82 21.05
C GLY A 275 -20.61 2.45 19.65
N THR A 276 -19.65 2.07 18.82
CA THR A 276 -19.96 1.70 17.44
C THR A 276 -20.79 0.43 17.35
N SER A 277 -21.75 0.44 16.43
CA SER A 277 -22.63 -0.72 16.23
C SER A 277 -21.98 -1.75 15.33
N ASP A 278 -22.59 -2.93 15.22
CA ASP A 278 -22.06 -3.98 14.36
C ASP A 278 -22.08 -3.49 12.91
N GLU A 279 -23.11 -2.72 12.58
CA GLU A 279 -23.23 -2.18 11.23
C GLU A 279 -22.05 -1.24 10.96
N GLY A 280 -21.64 -0.51 11.99
CA GLY A 280 -20.52 0.40 11.86
C GLY A 280 -19.24 -0.38 11.64
N ILE A 281 -19.08 -1.47 12.41
CA ILE A 281 -17.91 -2.31 12.30
C ILE A 281 -17.80 -2.89 10.89
N LYS A 282 -18.90 -3.42 10.39
CA LYS A 282 -18.93 -4.00 9.06
C LYS A 282 -18.60 -2.93 8.00
N LYS A 283 -19.14 -1.73 8.18
CA LYS A 283 -18.91 -0.65 7.23
C LYS A 283 -17.44 -0.23 7.21
N LEU A 284 -16.82 -0.24 8.38
CA LEU A 284 -15.41 0.12 8.48
C LEU A 284 -14.56 -0.89 7.72
N ALA A 285 -14.79 -2.17 8.00
CA ALA A 285 -14.04 -3.24 7.35
C ALA A 285 -14.23 -3.19 5.84
N GLU A 286 -15.47 -2.97 5.42
CA GLU A 286 -15.83 -2.90 4.02
C GLU A 286 -15.08 -1.80 3.26
N ALA A 287 -14.96 -0.64 3.89
CA ALA A 287 -14.31 0.51 3.26
C ALA A 287 -12.79 0.57 3.43
N GLY A 288 -12.25 -0.25 4.31
CA GLY A 288 -10.82 -0.20 4.53
C GLY A 288 -10.44 0.98 5.41
N THR A 289 -11.43 1.55 6.10
CA THR A 289 -11.16 2.68 6.99
C THR A 289 -10.52 2.09 8.25
N ILE A 290 -9.38 2.63 8.64
CA ILE A 290 -8.69 2.11 9.82
C ILE A 290 -9.32 2.57 11.13
N ALA A 291 -9.57 1.60 12.01
CA ALA A 291 -10.17 1.87 13.30
C ALA A 291 -9.09 2.12 14.33
N VAL A 292 -8.89 3.38 14.68
CA VAL A 292 -7.88 3.74 15.67
C VAL A 292 -8.52 3.77 17.06
N LEU A 293 -8.20 2.78 17.88
CA LEU A 293 -8.76 2.68 19.21
C LEU A 293 -7.94 3.45 20.22
N LEU A 294 -8.61 4.11 21.15
CA LEU A 294 -7.93 4.92 22.16
C LEU A 294 -8.29 4.43 23.56
N PRO A 295 -7.74 3.27 23.95
CA PRO A 295 -8.00 2.66 25.26
C PRO A 295 -7.54 3.56 26.39
N GLY A 296 -6.59 4.45 26.10
CA GLY A 296 -6.11 5.37 27.12
C GLY A 296 -7.23 6.30 27.55
N THR A 297 -7.96 6.84 26.58
CA THR A 297 -9.04 7.75 26.87
C THR A 297 -10.14 7.06 27.68
N THR A 298 -10.45 5.81 27.33
CA THR A 298 -11.45 5.04 28.04
C THR A 298 -11.03 4.89 29.50
N PHE A 299 -9.79 4.42 29.69
CA PHE A 299 -9.24 4.23 31.02
C PHE A 299 -9.22 5.53 31.82
N TYR A 300 -8.79 6.60 31.17
CA TYR A 300 -8.69 7.89 31.84
C TYR A 300 -10.04 8.49 32.22
N LEU A 301 -11.07 8.20 31.43
CA LEU A 301 -12.41 8.70 31.73
C LEU A 301 -13.00 7.96 32.92
N GLY A 302 -12.30 6.93 33.38
CA GLY A 302 -12.75 6.15 34.52
C GLY A 302 -13.82 5.14 34.16
N LYS A 303 -13.87 4.78 32.88
CA LYS A 303 -14.85 3.84 32.38
C LYS A 303 -14.34 2.40 32.34
N SER A 304 -15.27 1.46 32.20
CA SER A 304 -14.93 0.05 32.16
C SER A 304 -15.27 -0.59 30.82
N THR A 305 -16.07 0.09 30.01
CA THR A 305 -16.43 -0.45 28.71
C THR A 305 -15.52 0.11 27.63
N TYR A 306 -14.67 -0.76 27.09
CA TYR A 306 -13.74 -0.38 26.02
C TYR A 306 -14.32 -0.74 24.67
N ALA A 307 -13.72 -0.20 23.61
CA ALA A 307 -14.19 -0.49 22.27
C ALA A 307 -14.10 -2.00 22.04
N ARG A 308 -14.96 -2.52 21.17
CA ARG A 308 -14.99 -3.95 20.89
C ARG A 308 -13.95 -4.36 19.84
N ALA A 309 -12.68 -4.32 20.22
CA ALA A 309 -11.58 -4.67 19.33
C ALA A 309 -11.67 -6.07 18.73
N ARG A 310 -12.00 -7.06 19.55
CA ARG A 310 -12.07 -8.44 19.06
C ARG A 310 -13.14 -8.57 17.96
N ALA A 311 -14.31 -8.00 18.20
CA ALA A 311 -15.39 -8.05 17.21
C ALA A 311 -14.88 -7.41 15.90
N MET A 312 -14.18 -6.30 16.04
CA MET A 312 -13.64 -5.58 14.87
C MET A 312 -12.66 -6.44 14.09
N ILE A 313 -11.74 -7.07 14.81
CA ILE A 313 -10.76 -7.90 14.15
C ILE A 313 -11.45 -9.11 13.54
N ASP A 314 -12.43 -9.66 14.25
CA ASP A 314 -13.18 -10.82 13.75
C ASP A 314 -13.90 -10.48 12.46
N GLU A 315 -14.28 -9.23 12.33
CA GLU A 315 -15.02 -8.77 11.17
C GLU A 315 -14.16 -8.25 10.03
N GLY A 316 -12.85 -8.33 10.16
CA GLY A 316 -11.97 -7.88 9.09
C GLY A 316 -11.52 -6.42 9.11
N VAL A 317 -11.67 -5.77 10.26
CA VAL A 317 -11.27 -4.38 10.39
C VAL A 317 -9.77 -4.27 10.64
N CYS A 318 -9.16 -3.21 10.12
CA CYS A 318 -7.74 -2.95 10.33
C CYS A 318 -7.72 -2.09 11.60
N VAL A 319 -7.21 -2.66 12.69
CA VAL A 319 -7.16 -1.95 13.96
C VAL A 319 -5.81 -1.31 14.26
N SER A 320 -5.87 -0.11 14.84
CA SER A 320 -4.66 0.61 15.23
C SER A 320 -4.89 1.13 16.64
N LEU A 321 -3.84 1.69 17.24
CA LEU A 321 -3.92 2.21 18.59
C LEU A 321 -3.18 3.54 18.68
N ALA A 322 -3.50 4.35 19.67
CA ALA A 322 -2.84 5.63 19.87
C ALA A 322 -3.02 6.15 21.29
N THR A 323 -2.22 7.14 21.67
CA THR A 323 -2.32 7.69 23.00
C THR A 323 -3.50 8.68 23.12
N ASP A 324 -3.83 9.34 22.02
CA ASP A 324 -4.86 10.37 22.01
C ASP A 324 -4.35 11.45 22.97
N PHE A 325 -3.04 11.60 23.05
CA PHE A 325 -2.44 12.57 23.94
C PHE A 325 -3.13 13.91 23.86
N ASN A 326 -3.78 14.29 24.96
CA ASN A 326 -4.48 15.55 25.04
C ASN A 326 -4.71 15.84 26.54
N PRO A 327 -4.76 17.13 26.91
CA PRO A 327 -4.95 17.53 28.30
C PRO A 327 -6.26 17.15 28.95
N GLY A 328 -7.30 16.94 28.15
CA GLY A 328 -8.61 16.64 28.70
C GLY A 328 -9.01 15.21 29.02
N SER A 329 -8.78 14.28 28.10
CA SER A 329 -9.20 12.90 28.30
C SER A 329 -8.12 11.82 28.20
N SER A 330 -6.90 12.19 27.86
CA SER A 330 -5.83 11.22 27.82
C SER A 330 -4.46 11.88 27.83
N PRO A 331 -4.09 12.48 28.98
CA PRO A 331 -2.80 13.15 29.10
C PRO A 331 -1.63 12.20 29.35
N THR A 332 -1.26 11.43 28.33
CA THR A 332 -0.12 10.53 28.42
C THR A 332 0.59 10.44 27.08
N GLU A 333 1.91 10.46 27.12
CA GLU A 333 2.73 10.36 25.93
C GLU A 333 3.22 8.91 25.75
N ASN A 334 3.01 8.10 26.79
CA ASN A 334 3.47 6.71 26.83
C ASN A 334 2.68 5.72 25.98
N ILE A 335 3.09 5.59 24.72
CA ILE A 335 2.43 4.69 23.78
C ILE A 335 2.59 3.24 24.24
N GLN A 336 3.61 2.97 25.05
CA GLN A 336 3.83 1.62 25.54
C GLN A 336 2.72 1.21 26.51
N LEU A 337 2.26 2.17 27.31
CA LEU A 337 1.18 1.88 28.25
C LEU A 337 -0.10 1.59 27.46
N ILE A 338 -0.26 2.28 26.33
CA ILE A 338 -1.42 2.04 25.48
C ILE A 338 -1.34 0.59 25.01
N MET A 339 -0.14 0.14 24.69
CA MET A 339 0.03 -1.25 24.24
C MET A 339 -0.41 -2.20 25.35
N SER A 340 -0.01 -1.90 26.58
CA SER A 340 -0.38 -2.74 27.71
C SER A 340 -1.90 -2.73 27.89
N ILE A 341 -2.51 -1.55 27.85
CA ILE A 341 -3.95 -1.44 28.01
C ILE A 341 -4.67 -2.22 26.92
N ALA A 342 -4.11 -2.18 25.71
CA ALA A 342 -4.70 -2.89 24.58
C ALA A 342 -4.77 -4.38 24.86
N ALA A 343 -3.74 -4.91 25.50
CA ALA A 343 -3.69 -6.33 25.82
C ALA A 343 -4.69 -6.69 26.92
N LEU A 344 -4.58 -5.96 28.03
CA LEU A 344 -5.40 -6.20 29.20
C LEU A 344 -6.88 -5.83 29.12
N HIS A 345 -7.23 -4.81 28.34
CA HIS A 345 -8.63 -4.39 28.25
C HIS A 345 -9.29 -4.43 26.88
N LEU A 346 -8.52 -4.33 25.81
CA LEU A 346 -9.11 -4.42 24.47
C LEU A 346 -9.02 -5.89 24.07
N LYS A 347 -8.33 -6.67 24.92
CA LYS A 347 -8.16 -8.10 24.69
C LYS A 347 -7.48 -8.43 23.36
N MET A 348 -6.47 -7.65 23.00
CA MET A 348 -5.74 -7.91 21.76
C MET A 348 -4.50 -8.71 22.10
N THR A 349 -4.01 -9.49 21.14
CA THR A 349 -2.81 -10.28 21.37
C THR A 349 -1.59 -9.40 21.17
N ALA A 350 -0.45 -9.84 21.68
CA ALA A 350 0.79 -9.09 21.53
C ALA A 350 1.06 -8.86 20.04
N GLU A 351 0.85 -9.90 19.23
CA GLU A 351 1.07 -9.80 17.79
C GLU A 351 0.22 -8.70 17.17
N GLU A 352 -1.08 -8.71 17.45
CA GLU A 352 -1.99 -7.72 16.90
C GLU A 352 -1.57 -6.33 17.37
N ILE A 353 -1.17 -6.23 18.63
CA ILE A 353 -0.75 -4.95 19.20
C ILE A 353 0.46 -4.37 18.47
N TRP A 354 1.44 -5.21 18.16
CA TRP A 354 2.62 -4.71 17.48
C TRP A 354 2.28 -4.20 16.08
N HIS A 355 1.39 -4.90 15.37
CA HIS A 355 1.00 -4.46 14.03
C HIS A 355 0.20 -3.16 14.16
N ALA A 356 -0.53 -3.03 15.26
CA ALA A 356 -1.36 -1.86 15.49
C ALA A 356 -0.57 -0.57 15.66
N VAL A 357 0.55 -0.62 16.37
CA VAL A 357 1.35 0.59 16.60
C VAL A 357 2.46 0.82 15.58
N THR A 358 2.51 0.02 14.52
CA THR A 358 3.52 0.22 13.51
C THR A 358 2.88 0.36 12.14
N VAL A 359 2.59 -0.76 11.48
CA VAL A 359 1.99 -0.74 10.16
C VAL A 359 0.62 -0.06 10.07
N ASN A 360 -0.33 -0.49 10.88
CA ASN A 360 -1.66 0.10 10.82
C ASN A 360 -1.67 1.56 11.26
N ALA A 361 -0.86 1.90 12.25
CA ALA A 361 -0.79 3.28 12.70
C ALA A 361 -0.29 4.14 11.54
N ALA A 362 0.71 3.64 10.82
CA ALA A 362 1.28 4.36 9.68
C ALA A 362 0.24 4.59 8.59
N TYR A 363 -0.49 3.54 8.21
CA TYR A 363 -1.52 3.68 7.18
C TYR A 363 -2.67 4.58 7.63
N ALA A 364 -2.95 4.56 8.92
CA ALA A 364 -4.02 5.38 9.49
C ALA A 364 -3.75 6.88 9.33
N ILE A 365 -2.52 7.24 9.01
CA ILE A 365 -2.18 8.66 8.84
C ILE A 365 -1.51 8.97 7.49
N GLY A 366 -1.70 8.06 6.53
CA GLY A 366 -1.15 8.27 5.20
C GLY A 366 0.34 8.03 5.07
N LYS A 367 0.93 7.39 6.07
CA LYS A 367 2.37 7.13 6.06
C LYS A 367 2.71 5.64 5.94
N GLY A 368 1.78 4.86 5.41
CA GLY A 368 1.99 3.44 5.24
C GLY A 368 3.24 3.06 4.46
N GLU A 369 3.60 3.89 3.49
CA GLU A 369 4.79 3.62 2.67
C GLU A 369 6.07 4.21 3.26
N GLU A 370 5.96 4.98 4.34
CA GLU A 370 7.14 5.60 4.92
C GLU A 370 7.53 5.19 6.33
N ALA A 371 6.57 4.74 7.12
CA ALA A 371 6.88 4.34 8.49
C ALA A 371 6.32 2.98 8.89
N GLY A 372 6.68 2.55 10.09
CA GLY A 372 6.20 1.29 10.62
C GLY A 372 6.83 0.00 10.11
N GLN A 373 7.80 0.11 9.21
CA GLN A 373 8.44 -1.09 8.68
C GLN A 373 9.94 -0.96 8.46
N LEU A 374 10.68 -2.01 8.80
CA LEU A 374 12.12 -2.02 8.61
C LEU A 374 12.45 -2.90 7.42
N LYS A 375 12.51 -2.29 6.24
CA LYS A 375 12.83 -3.02 5.02
C LYS A 375 13.59 -2.07 4.11
N ALA A 376 14.26 -2.63 3.10
CA ALA A 376 15.05 -1.83 2.17
C ALA A 376 14.36 -0.58 1.68
N GLY A 377 15.06 0.55 1.74
CA GLY A 377 14.50 1.82 1.27
C GLY A 377 13.83 2.69 2.31
N ARG A 378 13.27 2.08 3.35
CA ARG A 378 12.60 2.83 4.40
C ARG A 378 13.58 3.65 5.23
N SER A 379 13.09 4.76 5.78
CA SER A 379 13.94 5.58 6.64
C SER A 379 14.33 4.70 7.84
N ALA A 380 15.59 4.77 8.24
CA ALA A 380 16.08 3.95 9.35
C ALA A 380 15.54 4.45 10.69
N ASP A 381 14.27 4.18 10.96
CA ASP A 381 13.63 4.59 12.21
C ASP A 381 13.37 3.30 12.98
N LEU A 382 14.06 3.11 14.09
CA LEU A 382 13.88 1.90 14.88
C LEU A 382 14.12 2.11 16.36
N VAL A 383 13.78 1.09 17.14
CA VAL A 383 13.97 1.13 18.58
C VAL A 383 14.66 -0.13 19.08
N ILE A 384 15.70 0.04 19.88
CA ILE A 384 16.39 -1.09 20.48
C ILE A 384 15.79 -1.13 21.88
N TRP A 385 15.11 -2.22 22.21
CA TRP A 385 14.44 -2.33 23.50
C TRP A 385 15.19 -3.03 24.63
N GLN A 386 14.82 -2.68 25.85
CA GLN A 386 15.40 -3.30 27.05
C GLN A 386 14.56 -4.53 27.33
N ALA A 387 14.54 -5.46 26.38
CA ALA A 387 13.77 -6.67 26.53
C ALA A 387 14.28 -7.67 25.49
N PRO A 388 14.11 -8.97 25.78
CA PRO A 388 14.54 -10.04 24.86
C PRO A 388 13.47 -10.47 23.86
N ASN A 389 12.22 -10.12 24.12
CA ASN A 389 11.15 -10.50 23.19
C ASN A 389 10.03 -9.46 23.13
N TYR A 390 9.22 -9.56 22.09
CA TYR A 390 8.12 -8.62 21.85
C TYR A 390 6.94 -8.74 22.81
N MET A 391 6.78 -9.89 23.45
CA MET A 391 5.67 -10.07 24.38
C MET A 391 5.92 -9.32 25.67
N TYR A 392 7.19 -9.16 26.02
CA TYR A 392 7.57 -8.49 27.24
C TYR A 392 7.10 -7.03 27.34
N ILE A 393 7.21 -6.29 26.25
CA ILE A 393 6.83 -4.89 26.25
C ILE A 393 5.42 -4.62 26.80
N PRO A 394 4.37 -5.16 26.15
CA PRO A 394 3.05 -4.89 26.71
C PRO A 394 2.81 -5.58 28.04
N TYR A 395 3.58 -6.65 28.31
CA TYR A 395 3.47 -7.41 29.55
C TYR A 395 3.82 -6.60 30.79
N HIS A 396 4.99 -5.96 30.77
CA HIS A 396 5.47 -5.15 31.89
C HIS A 396 4.94 -3.74 31.60
N TYR A 397 4.07 -3.24 32.46
CA TYR A 397 3.43 -1.94 32.21
C TYR A 397 3.85 -0.70 32.99
N GLY A 398 3.39 0.44 32.49
CA GLY A 398 3.63 1.73 33.13
C GLY A 398 5.04 2.28 33.15
N VAL A 399 5.96 1.69 32.41
CA VAL A 399 7.32 2.21 32.41
C VAL A 399 7.83 2.49 30.99
N ASN A 400 9.13 2.73 30.87
CA ASN A 400 9.72 2.98 29.56
C ASN A 400 10.74 1.87 29.28
N HIS A 401 10.42 1.02 28.33
CA HIS A 401 11.29 -0.10 27.97
C HIS A 401 12.36 0.26 26.94
N VAL A 402 12.34 1.50 26.47
CA VAL A 402 13.30 1.92 25.47
C VAL A 402 14.76 1.90 25.93
N HIS A 403 15.63 1.39 25.07
CA HIS A 403 17.06 1.37 25.36
C HIS A 403 17.60 2.53 24.53
N GLN A 404 17.38 2.46 23.22
CA GLN A 404 17.81 3.53 22.31
C GLN A 404 16.80 3.70 21.18
N VAL A 405 16.65 4.93 20.71
CA VAL A 405 15.74 5.20 19.61
C VAL A 405 16.57 5.78 18.47
N MET A 406 16.34 5.28 17.26
CA MET A 406 17.06 5.75 16.09
C MET A 406 16.10 6.39 15.10
N LYS A 407 16.46 7.57 14.59
CA LYS A 407 15.65 8.26 13.59
C LYS A 407 16.57 8.62 12.44
N ASN A 408 16.18 8.22 11.23
CA ASN A 408 16.96 8.48 10.03
C ASN A 408 18.40 7.99 10.16
N GLY A 409 18.59 6.87 10.84
CA GLY A 409 19.92 6.30 10.99
C GLY A 409 20.76 6.86 12.13
N THR A 410 20.19 7.78 12.89
CA THR A 410 20.91 8.39 14.01
C THR A 410 20.24 8.14 15.37
N ILE A 411 21.05 7.79 16.37
CA ILE A 411 20.53 7.55 17.71
C ILE A 411 20.13 8.90 18.29
N VAL A 412 18.83 9.10 18.49
CA VAL A 412 18.32 10.35 19.03
C VAL A 412 17.89 10.23 20.49
N VAL A 413 17.86 8.99 20.98
CA VAL A 413 17.52 8.72 22.37
C VAL A 413 18.42 7.61 22.86
N ASN A 414 19.18 7.87 23.91
CA ASN A 414 20.08 6.86 24.47
C ASN A 414 19.87 6.73 25.98
N ARG A 415 19.30 5.62 26.40
CA ARG A 415 19.04 5.37 27.81
C ARG A 415 19.95 4.28 28.36
N PRO B 2 21.41 25.37 -2.70
CA PRO B 2 20.61 24.50 -3.60
C PRO B 2 21.19 23.09 -3.65
N LYS B 3 20.32 22.08 -3.49
CA LYS B 3 20.74 20.68 -3.51
C LYS B 3 21.18 20.27 -4.91
N GLN B 4 22.28 19.54 -4.99
CA GLN B 4 22.80 19.09 -6.27
C GLN B 4 22.31 17.68 -6.57
N ILE B 5 21.72 17.50 -7.75
CA ILE B 5 21.23 16.18 -8.14
C ILE B 5 21.65 15.81 -9.56
N ASP B 6 21.60 14.52 -9.85
CA ASP B 6 22.01 14.00 -11.14
C ASP B 6 21.28 14.50 -12.37
N THR B 7 19.98 14.28 -12.43
CA THR B 7 19.21 14.66 -13.60
C THR B 7 17.93 15.44 -13.35
N ILE B 8 17.50 16.16 -14.38
CA ILE B 8 16.28 16.95 -14.30
C ILE B 8 15.57 16.94 -15.64
N LEU B 9 14.30 16.56 -15.63
CA LEU B 9 13.50 16.55 -16.84
C LEU B 9 12.69 17.84 -16.84
N ILE B 10 12.84 18.65 -17.88
CA ILE B 10 12.13 19.91 -17.98
C ILE B 10 11.22 19.96 -19.20
N ASN B 11 10.31 20.94 -19.20
CA ASN B 11 9.39 21.13 -20.31
C ASN B 11 8.49 19.93 -20.59
N ILE B 12 8.02 19.29 -19.52
CA ILE B 12 7.12 18.15 -19.66
C ILE B 12 5.74 18.72 -19.96
N GLY B 13 5.20 18.38 -21.13
CA GLY B 13 3.89 18.89 -21.51
C GLY B 13 2.82 18.40 -20.56
N GLN B 14 2.85 17.09 -20.30
CA GLN B 14 1.88 16.48 -19.42
C GLN B 14 2.60 15.45 -18.57
N LEU B 15 2.36 15.47 -17.26
CA LEU B 15 3.01 14.54 -16.35
C LEU B 15 1.99 13.75 -15.55
N LEU B 16 2.10 12.42 -15.61
CA LEU B 16 1.22 11.54 -14.85
C LEU B 16 2.09 10.82 -13.82
N THR B 17 1.91 11.17 -12.55
CA THR B 17 2.68 10.54 -11.47
C THR B 17 2.04 9.26 -10.99
N MET B 18 0.73 9.16 -11.15
CA MET B 18 -0.03 7.99 -10.70
C MET B 18 0.07 7.86 -9.18
N GLU B 19 0.51 8.93 -8.51
CA GLU B 19 0.66 8.89 -7.05
C GLU B 19 -0.58 8.36 -6.36
N SER B 20 -0.40 7.29 -5.58
CA SER B 20 -1.51 6.66 -4.87
C SER B 20 -1.04 6.10 -3.53
N SER B 21 -1.99 5.80 -2.65
CA SER B 21 -1.65 5.24 -1.35
C SER B 21 -1.89 3.73 -1.37
N GLY B 22 -2.36 3.23 -2.50
CA GLY B 22 -2.63 1.82 -2.64
C GLY B 22 -3.30 1.56 -3.96
N PRO B 23 -3.74 0.31 -4.23
CA PRO B 23 -4.39 0.03 -5.51
C PRO B 23 -5.65 0.87 -5.68
N ARG B 24 -6.03 1.13 -6.93
CA ARG B 24 -7.21 1.93 -7.18
C ARG B 24 -8.39 1.09 -7.62
N ALA B 25 -9.43 1.09 -6.82
CA ALA B 25 -10.63 0.33 -7.11
C ALA B 25 -11.81 1.23 -7.45
N GLY B 26 -12.73 0.69 -8.24
CA GLY B 26 -13.92 1.41 -8.63
C GLY B 26 -13.69 2.82 -9.12
N LYS B 27 -14.42 3.76 -8.52
CA LYS B 27 -14.31 5.17 -8.90
C LYS B 27 -12.93 5.78 -8.86
N SER B 28 -12.08 5.35 -7.94
CA SER B 28 -10.75 5.93 -7.85
C SER B 28 -9.93 5.71 -9.12
N MET B 29 -10.30 4.70 -9.91
CA MET B 29 -9.58 4.44 -11.16
C MET B 29 -9.80 5.56 -12.17
N GLN B 30 -10.86 6.33 -11.98
CA GLN B 30 -11.16 7.42 -12.90
C GLN B 30 -10.44 8.70 -12.47
N ASP B 31 -10.15 8.81 -11.18
CA ASP B 31 -9.50 9.99 -10.63
C ASP B 31 -8.02 10.13 -10.99
N LEU B 32 -7.74 10.38 -12.26
CA LEU B 32 -6.37 10.53 -12.73
C LEU B 32 -5.89 11.96 -12.52
N HIS B 33 -4.77 12.13 -11.82
CA HIS B 33 -4.22 13.44 -11.56
C HIS B 33 -3.26 13.83 -12.69
N VAL B 34 -3.62 14.89 -13.41
CA VAL B 34 -2.77 15.35 -14.52
C VAL B 34 -2.08 16.67 -14.20
N ILE B 35 -0.79 16.72 -14.48
CA ILE B 35 0.01 17.93 -14.23
C ILE B 35 0.55 18.43 -15.56
N GLU B 36 0.37 19.72 -15.85
CA GLU B 36 0.87 20.27 -17.10
C GLU B 36 2.05 21.21 -16.89
N ASP B 37 2.98 21.22 -17.85
CA ASP B 37 4.18 22.04 -17.74
C ASP B 37 4.86 21.58 -16.46
N ALA B 38 5.33 20.33 -16.48
CA ALA B 38 5.96 19.74 -15.30
C ALA B 38 7.45 19.48 -15.40
N VAL B 39 8.01 19.04 -14.28
CA VAL B 39 9.42 18.74 -14.19
C VAL B 39 9.57 17.48 -13.34
N VAL B 40 10.68 16.78 -13.53
CA VAL B 40 10.97 15.57 -12.79
C VAL B 40 12.44 15.59 -12.37
N GLY B 41 12.68 15.51 -11.06
CA GLY B 41 14.04 15.52 -10.56
C GLY B 41 14.47 14.12 -10.18
N ILE B 42 15.66 13.73 -10.59
CA ILE B 42 16.17 12.40 -10.28
C ILE B 42 17.56 12.48 -9.68
N HIS B 43 17.81 11.64 -8.68
CA HIS B 43 19.11 11.60 -8.06
C HIS B 43 19.40 10.22 -7.54
N GLU B 44 20.60 9.74 -7.83
CA GLU B 44 21.02 8.42 -7.40
C GLU B 44 20.00 7.35 -7.77
N GLN B 45 19.59 7.34 -9.03
CA GLN B 45 18.66 6.32 -9.51
C GLN B 45 17.22 6.46 -9.03
N LYS B 46 16.96 7.45 -8.19
CA LYS B 46 15.61 7.60 -7.67
C LYS B 46 14.99 8.95 -7.96
N ILE B 47 13.66 9.00 -7.88
CA ILE B 47 12.92 10.22 -8.10
C ILE B 47 13.02 11.05 -6.82
N VAL B 48 13.40 12.32 -6.95
CA VAL B 48 13.49 13.17 -5.77
C VAL B 48 12.25 14.06 -5.78
N PHE B 49 11.77 14.38 -6.99
CA PHE B 49 10.56 15.17 -7.11
C PHE B 49 9.96 15.05 -8.50
N ALA B 50 8.64 15.19 -8.56
CA ALA B 50 7.91 15.11 -9.82
C ALA B 50 6.63 15.90 -9.64
N GLY B 51 6.58 17.07 -10.28
CA GLY B 51 5.42 17.92 -10.17
C GLY B 51 5.47 19.07 -11.15
N GLN B 52 4.63 20.06 -10.94
CA GLN B 52 4.58 21.21 -11.82
C GLN B 52 5.86 22.04 -11.74
N LYS B 53 6.18 22.72 -12.83
CA LYS B 53 7.39 23.55 -12.89
C LYS B 53 7.43 24.42 -11.64
N GLY B 54 8.61 24.48 -11.04
CA GLY B 54 8.77 25.27 -9.83
C GLY B 54 9.10 24.34 -8.68
N ALA B 55 8.84 23.05 -8.89
CA ALA B 55 9.14 22.03 -7.89
C ALA B 55 10.64 21.80 -7.88
N GLU B 56 11.32 22.32 -8.90
CA GLU B 56 12.77 22.17 -8.99
C GLU B 56 13.49 23.27 -8.22
N ALA B 57 12.71 24.21 -7.68
CA ALA B 57 13.28 25.30 -6.90
C ALA B 57 14.07 24.73 -5.74
N GLY B 58 15.32 25.17 -5.61
CA GLY B 58 16.15 24.67 -4.53
C GLY B 58 17.05 23.56 -5.02
N TYR B 59 16.87 23.15 -6.27
CA TYR B 59 17.68 22.09 -6.84
C TYR B 59 18.46 22.57 -8.05
N GLU B 60 19.49 21.80 -8.38
CA GLU B 60 20.34 22.08 -9.53
C GLU B 60 20.85 20.72 -9.98
N ALA B 61 20.78 20.44 -11.27
CA ALA B 61 21.23 19.16 -11.78
C ALA B 61 22.31 19.31 -12.84
N ASP B 62 23.06 18.24 -13.07
CA ASP B 62 24.11 18.26 -14.07
C ASP B 62 23.50 17.90 -15.44
N GLU B 63 22.83 16.76 -15.50
CA GLU B 63 22.20 16.31 -16.74
C GLU B 63 20.79 16.87 -16.86
N ILE B 64 20.55 17.67 -17.89
CA ILE B 64 19.24 18.27 -18.10
C ILE B 64 18.57 17.73 -19.36
N ILE B 65 17.44 17.06 -19.20
CA ILE B 65 16.69 16.47 -20.30
C ILE B 65 15.45 17.27 -20.67
N ASP B 66 15.43 17.85 -21.86
CA ASP B 66 14.28 18.62 -22.32
C ASP B 66 13.27 17.68 -22.95
N CYS B 67 12.04 17.70 -22.45
CA CYS B 67 11.02 16.81 -22.99
C CYS B 67 10.22 17.41 -24.14
N SER B 68 10.53 18.66 -24.50
CA SER B 68 9.88 19.32 -25.61
C SER B 68 8.35 19.23 -25.60
N GLY B 69 7.76 19.36 -24.42
CA GLY B 69 6.32 19.30 -24.29
C GLY B 69 5.70 17.92 -24.41
N ARG B 70 6.52 16.87 -24.38
CA ARG B 70 5.99 15.51 -24.50
C ARG B 70 5.33 15.03 -23.21
N LEU B 71 4.57 13.96 -23.34
CA LEU B 71 3.89 13.33 -22.22
C LEU B 71 4.90 12.46 -21.49
N VAL B 72 4.85 12.48 -20.16
CA VAL B 72 5.74 11.69 -19.32
C VAL B 72 4.91 10.92 -18.29
N THR B 73 5.18 9.63 -18.15
CA THR B 73 4.46 8.78 -17.21
C THR B 73 5.42 7.76 -16.62
N PRO B 74 4.97 6.99 -15.61
CA PRO B 74 5.86 5.99 -15.02
C PRO B 74 6.10 4.92 -16.07
N GLY B 75 7.11 4.08 -15.86
CA GLY B 75 7.35 3.01 -16.80
C GLY B 75 6.14 2.10 -16.68
N LEU B 76 5.71 1.49 -17.78
CA LEU B 76 4.55 0.62 -17.74
C LEU B 76 4.85 -0.73 -17.07
N VAL B 77 3.83 -1.32 -16.45
CA VAL B 77 3.98 -2.61 -15.78
C VAL B 77 3.10 -3.65 -16.48
N ASP B 78 3.70 -4.74 -16.97
CA ASP B 78 2.95 -5.81 -17.64
C ASP B 78 2.86 -6.90 -16.58
N PRO B 79 1.74 -6.95 -15.84
CA PRO B 79 1.51 -7.90 -14.76
C PRO B 79 1.17 -9.37 -15.07
N HIS B 80 1.27 -9.77 -16.32
CA HIS B 80 0.91 -11.15 -16.68
C HIS B 80 1.49 -11.57 -18.04
N THR B 81 2.52 -12.41 -18.02
CA THR B 81 3.11 -12.90 -19.27
C THR B 81 3.67 -14.30 -19.08
N HIS B 82 3.92 -14.98 -20.19
CA HIS B 82 4.49 -16.33 -20.19
C HIS B 82 5.77 -16.18 -21.04
N LEU B 83 6.53 -15.14 -20.72
CA LEU B 83 7.76 -14.76 -21.40
C LEU B 83 8.67 -15.87 -21.92
N VAL B 84 9.07 -16.77 -21.03
CA VAL B 84 9.97 -17.85 -21.43
C VAL B 84 9.23 -19.02 -22.06
N PHE B 85 9.56 -19.28 -23.33
CA PHE B 85 8.94 -20.37 -24.06
C PHE B 85 9.74 -20.75 -25.29
N GLY B 86 9.64 -22.01 -25.69
CA GLY B 86 10.35 -22.47 -26.87
C GLY B 86 9.40 -22.53 -28.06
N GLY B 87 9.95 -22.46 -29.27
CA GLY B 87 9.14 -22.54 -30.48
C GLY B 87 8.09 -21.44 -30.60
N SER B 88 7.15 -21.63 -31.51
CA SER B 88 6.06 -20.69 -31.74
C SER B 88 4.87 -21.52 -32.23
N ARG B 89 3.66 -20.98 -32.14
N ARG B 89 3.66 -20.95 -32.20
CA ARG B 89 2.48 -21.73 -32.58
CA ARG B 89 2.47 -21.69 -32.60
C ARG B 89 1.80 -21.20 -33.86
C ARG B 89 1.80 -21.19 -33.88
N GLU B 90 2.57 -20.66 -34.81
CA GLU B 90 1.98 -20.14 -36.06
C GLU B 90 1.22 -21.21 -36.83
N LYS B 91 1.67 -22.46 -36.74
CA LYS B 91 0.99 -23.52 -37.45
C LYS B 91 -0.37 -23.89 -36.87
N GLU B 92 -0.74 -23.29 -35.74
CA GLU B 92 -2.05 -23.55 -35.14
C GLU B 92 -3.08 -22.55 -35.68
N MET B 93 -2.63 -21.55 -36.43
CA MET B 93 -3.55 -20.56 -36.99
C MET B 93 -4.67 -21.20 -37.78
N ASN B 94 -4.33 -22.19 -38.61
CA ASN B 94 -5.30 -22.88 -39.44
C ASN B 94 -6.37 -23.64 -38.64
N LEU B 95 -5.99 -24.18 -37.50
CA LEU B 95 -6.94 -24.90 -36.67
C LEU B 95 -8.00 -23.93 -36.15
N LYS B 96 -7.55 -22.78 -35.69
CA LYS B 96 -8.46 -21.76 -35.17
C LYS B 96 -9.36 -21.27 -36.29
N LEU B 97 -8.78 -21.09 -37.48
CA LEU B 97 -9.53 -20.63 -38.64
C LEU B 97 -10.61 -21.62 -39.03
N GLN B 98 -10.36 -22.90 -38.76
CA GLN B 98 -11.35 -23.94 -39.08
C GLN B 98 -12.45 -24.01 -38.03
N GLY B 99 -12.31 -23.23 -36.97
CA GLY B 99 -13.34 -23.23 -35.94
C GLY B 99 -13.06 -24.15 -34.78
N ILE B 100 -11.86 -24.72 -34.73
CA ILE B 100 -11.52 -25.62 -33.63
C ILE B 100 -11.25 -24.74 -32.42
N SER B 101 -11.93 -25.03 -31.31
CA SER B 101 -11.77 -24.26 -30.09
C SER B 101 -10.40 -24.40 -29.44
N TYR B 102 -10.08 -23.43 -28.61
CA TYR B 102 -8.83 -23.40 -27.87
C TYR B 102 -8.68 -24.68 -27.05
N LEU B 103 -9.75 -25.06 -26.36
CA LEU B 103 -9.70 -26.26 -25.53
C LEU B 103 -9.64 -27.56 -26.33
N ASP B 104 -10.28 -27.60 -27.49
CA ASP B 104 -10.25 -28.82 -28.29
C ASP B 104 -8.85 -29.01 -28.89
N ILE B 105 -8.11 -27.93 -29.08
CA ILE B 105 -6.76 -28.03 -29.62
C ILE B 105 -5.89 -28.62 -28.52
N LEU B 106 -6.07 -28.11 -27.31
CA LEU B 106 -5.34 -28.57 -26.14
C LEU B 106 -5.67 -30.03 -25.84
N ALA B 107 -6.92 -30.41 -26.02
CA ALA B 107 -7.34 -31.78 -25.76
C ALA B 107 -6.67 -32.76 -26.73
N GLN B 108 -6.22 -32.26 -27.87
CA GLN B 108 -5.57 -33.10 -28.87
C GLN B 108 -4.06 -33.05 -28.78
N GLY B 109 -3.54 -32.53 -27.67
CA GLY B 109 -2.11 -32.44 -27.49
C GLY B 109 -1.47 -31.17 -28.04
N GLY B 110 -2.30 -30.22 -28.47
CA GLY B 110 -1.77 -28.99 -29.01
C GLY B 110 -1.76 -27.87 -27.99
N GLY B 111 -1.70 -26.63 -28.47
CA GLY B 111 -1.69 -25.49 -27.57
C GLY B 111 -0.57 -25.54 -26.56
N ILE B 112 -0.91 -25.33 -25.30
CA ILE B 112 0.07 -25.36 -24.21
C ILE B 112 0.97 -26.60 -24.33
N LEU B 113 0.37 -27.74 -24.65
CA LEU B 113 1.14 -28.98 -24.77
C LEU B 113 2.15 -28.98 -25.90
N SER B 114 1.87 -28.24 -26.97
CA SER B 114 2.80 -28.18 -28.10
C SER B 114 3.96 -27.29 -27.69
N THR B 115 3.64 -26.22 -26.96
CA THR B 115 4.65 -25.29 -26.49
C THR B 115 5.55 -26.02 -25.49
N VAL B 116 4.96 -26.90 -24.70
CA VAL B 116 5.71 -27.67 -23.71
C VAL B 116 6.81 -28.49 -24.39
N LYS B 117 6.48 -29.17 -25.47
CA LYS B 117 7.46 -29.98 -26.17
C LYS B 117 8.62 -29.11 -26.65
N ASP B 118 8.31 -27.95 -27.21
CA ASP B 118 9.36 -27.07 -27.71
C ASP B 118 10.18 -26.46 -26.58
N THR B 119 9.54 -26.18 -25.45
CA THR B 119 10.25 -25.58 -24.33
C THR B 119 11.14 -26.61 -23.64
N ARG B 120 10.67 -27.84 -23.58
CA ARG B 120 11.45 -28.91 -22.96
C ARG B 120 12.68 -29.18 -23.82
N ALA B 121 12.49 -29.21 -25.14
CA ALA B 121 13.59 -29.48 -26.07
C ALA B 121 14.61 -28.35 -26.21
N ALA B 122 14.19 -27.12 -25.94
CA ALA B 122 15.09 -25.97 -26.06
C ALA B 122 16.10 -25.94 -24.93
N SER B 123 17.34 -25.57 -25.26
CA SER B 123 18.38 -25.49 -24.24
C SER B 123 18.15 -24.27 -23.38
N GLU B 124 18.79 -24.26 -22.21
CA GLU B 124 18.64 -23.13 -21.30
C GLU B 124 19.18 -21.87 -21.97
N GLU B 125 20.27 -22.00 -22.71
CA GLU B 125 20.85 -20.83 -23.39
C GLU B 125 19.96 -20.32 -24.51
N GLU B 126 19.32 -21.24 -25.24
CA GLU B 126 18.43 -20.85 -26.32
C GLU B 126 17.26 -20.04 -25.76
N LEU B 127 16.62 -20.57 -24.73
CA LEU B 127 15.48 -19.89 -24.11
C LEU B 127 15.86 -18.49 -23.62
N LEU B 128 17.06 -18.39 -23.06
CA LEU B 128 17.55 -17.11 -22.57
C LEU B 128 17.67 -16.07 -23.68
N GLN B 129 18.32 -16.42 -24.79
CA GLN B 129 18.48 -15.48 -25.89
C GLN B 129 17.14 -15.09 -26.55
N LYS B 130 16.21 -16.03 -26.58
CA LYS B 130 14.86 -15.90 -27.13
C LYS B 130 14.02 -14.92 -26.31
N ALA B 131 13.99 -15.19 -25.02
CA ALA B 131 13.27 -14.34 -24.11
C ALA B 131 13.93 -12.95 -24.11
N HIS B 132 15.26 -12.88 -24.17
CA HIS B 132 15.94 -11.58 -24.20
C HIS B 132 15.42 -10.71 -25.32
N PHE B 133 15.19 -11.33 -26.48
CA PHE B 133 14.67 -10.60 -27.63
C PHE B 133 13.28 -10.06 -27.39
N HIS B 134 12.40 -10.89 -26.85
CA HIS B 134 11.02 -10.46 -26.59
C HIS B 134 10.93 -9.44 -25.47
N LEU B 135 11.73 -9.63 -24.43
CA LEU B 135 11.74 -8.73 -23.28
C LEU B 135 12.25 -7.36 -23.70
N GLN B 136 13.24 -7.36 -24.58
CA GLN B 136 13.78 -6.10 -25.07
C GLN B 136 12.73 -5.36 -25.90
N ARG B 137 11.88 -6.11 -26.58
CA ARG B 137 10.84 -5.49 -27.38
C ARG B 137 9.79 -4.93 -26.41
N MET B 138 9.50 -5.68 -25.35
CA MET B 138 8.54 -5.22 -24.36
C MET B 138 9.05 -3.89 -23.79
N LEU B 139 10.34 -3.85 -23.47
CA LEU B 139 10.98 -2.66 -22.91
C LEU B 139 10.78 -1.49 -23.88
N SER B 140 11.00 -1.75 -25.17
CA SER B 140 10.87 -0.71 -26.18
C SER B 140 9.47 -0.12 -26.26
N TYR B 141 8.49 -0.87 -25.76
CA TYR B 141 7.10 -0.39 -25.77
C TYR B 141 6.72 0.30 -24.46
N GLY B 142 7.69 0.47 -23.57
CA GLY B 142 7.43 1.15 -22.32
C GLY B 142 7.36 0.33 -21.04
N THR B 143 7.44 -0.99 -21.16
CA THR B 143 7.38 -1.87 -20.01
C THR B 143 8.72 -1.94 -19.28
N THR B 144 8.75 -1.46 -18.05
CA THR B 144 9.97 -1.45 -17.25
C THR B 144 9.91 -2.45 -16.11
N THR B 145 8.73 -3.03 -15.88
CA THR B 145 8.54 -4.04 -14.84
C THR B 145 7.51 -5.03 -15.39
N ALA B 146 7.83 -6.31 -15.33
CA ALA B 146 6.89 -7.31 -15.84
C ALA B 146 6.91 -8.60 -15.03
N GLU B 147 5.77 -9.27 -15.03
CA GLU B 147 5.62 -10.55 -14.33
C GLU B 147 5.80 -11.62 -15.40
N VAL B 148 6.54 -12.66 -15.09
CA VAL B 148 6.79 -13.74 -16.04
C VAL B 148 6.47 -15.06 -15.37
N LYS B 149 5.65 -15.87 -16.03
CA LYS B 149 5.24 -17.15 -15.49
C LYS B 149 5.91 -18.33 -16.19
N SER B 150 6.19 -19.38 -15.44
CA SER B 150 6.76 -20.59 -16.03
C SER B 150 5.49 -21.33 -16.47
N GLY B 151 5.58 -22.65 -16.65
CA GLY B 151 4.38 -23.35 -17.06
C GLY B 151 4.42 -24.00 -18.42
N TYR B 152 5.60 -24.09 -19.02
CA TYR B 152 5.71 -24.76 -20.31
C TYR B 152 6.65 -25.94 -20.16
N GLY B 153 6.79 -26.39 -18.92
CA GLY B 153 7.64 -27.54 -18.63
C GLY B 153 6.79 -28.71 -18.18
N LEU B 154 5.91 -28.46 -17.21
CA LEU B 154 5.02 -29.48 -16.67
C LEU B 154 5.84 -30.67 -16.19
N GLU B 155 7.06 -30.37 -15.75
CA GLU B 155 7.99 -31.37 -15.22
C GLU B 155 9.04 -30.58 -14.46
N LYS B 156 9.73 -31.25 -13.54
CA LYS B 156 10.73 -30.57 -12.73
C LYS B 156 11.84 -29.87 -13.53
N GLU B 157 12.52 -30.62 -14.39
CA GLU B 157 13.63 -30.06 -15.15
C GLU B 157 13.32 -28.82 -15.97
N THR B 158 12.31 -28.88 -16.83
CA THR B 158 12.00 -27.73 -17.65
C THR B 158 11.39 -26.57 -16.86
N GLU B 159 10.56 -26.87 -15.85
CA GLU B 159 10.00 -25.80 -15.05
C GLU B 159 11.11 -25.04 -14.34
N LEU B 160 12.04 -25.76 -13.73
CA LEU B 160 13.14 -25.10 -13.05
C LEU B 160 13.98 -24.33 -14.06
N LYS B 161 14.14 -24.92 -15.25
CA LYS B 161 14.91 -24.27 -16.30
C LYS B 161 14.32 -22.90 -16.62
N GLN B 162 13.00 -22.86 -16.85
CA GLN B 162 12.33 -21.60 -17.16
C GLN B 162 12.53 -20.58 -16.04
N LEU B 163 12.41 -21.03 -14.80
CA LEU B 163 12.57 -20.13 -13.67
C LEU B 163 13.98 -19.58 -13.60
N ARG B 164 14.98 -20.41 -13.92
CA ARG B 164 16.36 -19.95 -13.89
C ARG B 164 16.60 -18.92 -15.00
N VAL B 165 15.94 -19.12 -16.14
CA VAL B 165 16.07 -18.20 -17.26
C VAL B 165 15.51 -16.84 -16.85
N ALA B 166 14.37 -16.86 -16.16
CA ALA B 166 13.72 -15.63 -15.70
C ALA B 166 14.65 -14.87 -14.75
N LYS B 167 15.33 -15.59 -13.87
CA LYS B 167 16.25 -14.96 -12.93
C LYS B 167 17.42 -14.34 -13.67
N LYS B 168 17.95 -15.06 -14.65
CA LYS B 168 19.08 -14.57 -15.44
C LYS B 168 18.70 -13.30 -16.18
N LEU B 169 17.52 -13.31 -16.78
CA LEU B 169 17.03 -12.15 -17.52
C LEU B 169 16.93 -10.96 -16.59
N HIS B 170 16.32 -11.17 -15.43
CA HIS B 170 16.15 -10.10 -14.46
C HIS B 170 17.46 -9.45 -14.06
N GLU B 171 18.53 -10.23 -14.04
CA GLU B 171 19.84 -9.71 -13.64
C GLU B 171 20.71 -9.23 -14.80
N SER B 172 20.27 -9.45 -16.04
CA SER B 172 21.09 -9.04 -17.18
C SER B 172 20.55 -7.95 -18.10
N GLN B 173 19.39 -7.38 -17.76
CA GLN B 173 18.84 -6.33 -18.60
C GLN B 173 17.96 -5.38 -17.77
N PRO B 174 17.59 -4.22 -18.32
CA PRO B 174 16.77 -3.23 -17.62
C PRO B 174 15.47 -3.63 -16.94
N VAL B 175 14.61 -4.38 -17.63
CA VAL B 175 13.32 -4.75 -17.04
C VAL B 175 13.36 -5.56 -15.74
N ASP B 176 12.71 -5.05 -14.69
CA ASP B 176 12.64 -5.77 -13.43
C ASP B 176 11.54 -6.82 -13.58
N LEU B 177 11.83 -8.06 -13.19
CA LEU B 177 10.86 -9.14 -13.34
C LEU B 177 10.34 -9.72 -12.04
N VAL B 178 9.09 -10.17 -12.07
CA VAL B 178 8.46 -10.83 -10.95
C VAL B 178 8.23 -12.23 -11.49
N SER B 179 8.78 -13.22 -10.80
CA SER B 179 8.65 -14.59 -11.26
C SER B 179 7.52 -15.37 -10.61
N THR B 180 6.72 -16.03 -11.43
CA THR B 180 5.60 -16.82 -10.95
C THR B 180 5.72 -18.27 -11.40
N PHE B 181 5.56 -19.19 -10.47
CA PHE B 181 5.63 -20.61 -10.81
C PHE B 181 4.25 -21.10 -11.22
N MET B 182 4.13 -21.52 -12.48
CA MET B 182 2.85 -22.03 -12.97
C MET B 182 2.99 -23.45 -13.52
N GLY B 183 3.59 -24.33 -12.73
CA GLY B 183 3.74 -25.71 -13.16
C GLY B 183 2.41 -26.37 -13.42
N ALA B 184 1.37 -25.89 -12.73
CA ALA B 184 0.02 -26.42 -12.90
C ALA B 184 -0.67 -25.67 -14.03
N HIS B 185 -0.07 -25.71 -15.22
CA HIS B 185 -0.60 -25.02 -16.39
C HIS B 185 -1.48 -25.93 -17.24
N ALA B 186 -1.09 -27.19 -17.36
CA ALA B 186 -1.85 -28.15 -18.14
C ALA B 186 -1.53 -29.54 -17.63
N ILE B 187 -2.15 -30.56 -18.23
CA ILE B 187 -1.93 -31.93 -17.81
C ILE B 187 -1.19 -32.73 -18.86
N PRO B 188 0.02 -33.20 -18.54
CA PRO B 188 0.76 -33.99 -19.53
C PRO B 188 -0.11 -35.21 -19.85
N PRO B 189 -0.19 -35.61 -21.13
CA PRO B 189 -1.00 -36.77 -21.51
C PRO B 189 -0.89 -37.99 -20.59
N GLU B 190 0.31 -38.30 -20.15
CA GLU B 190 0.48 -39.47 -19.29
C GLU B 190 -0.15 -39.33 -17.90
N TYR B 191 -0.62 -38.13 -17.57
CA TYR B 191 -1.25 -37.90 -16.28
C TYR B 191 -2.75 -37.63 -16.37
N GLN B 192 -3.31 -37.72 -17.57
CA GLN B 192 -4.74 -37.46 -17.72
C GLN B 192 -5.59 -38.30 -16.79
N ASN B 193 -5.10 -39.48 -16.43
CA ASN B 193 -5.88 -40.34 -15.55
C ASN B 193 -5.60 -40.16 -14.06
N ASP B 194 -4.68 -39.26 -13.74
CA ASP B 194 -4.37 -38.95 -12.34
C ASP B 194 -3.73 -37.57 -12.26
N PRO B 195 -4.50 -36.52 -12.58
CA PRO B 195 -3.97 -35.16 -12.52
C PRO B 195 -3.51 -34.76 -11.12
N ASP B 196 -4.09 -35.39 -10.10
CA ASP B 196 -3.70 -35.07 -8.73
C ASP B 196 -2.25 -35.49 -8.47
N ASP B 197 -1.82 -36.55 -9.15
CA ASP B 197 -0.45 -37.03 -9.01
C ASP B 197 0.46 -35.98 -9.66
N PHE B 198 0.04 -35.48 -10.83
CA PHE B 198 0.83 -34.46 -11.50
C PHE B 198 0.95 -33.23 -10.61
N LEU B 199 -0.15 -32.78 -10.04
CA LEU B 199 -0.14 -31.61 -9.17
C LEU B 199 0.81 -31.77 -7.98
N ASP B 200 0.80 -32.94 -7.36
CA ASP B 200 1.68 -33.19 -6.22
C ASP B 200 3.14 -33.08 -6.65
N GLN B 201 3.45 -33.58 -7.83
CA GLN B 201 4.82 -33.50 -8.33
C GLN B 201 5.24 -32.04 -8.50
N MET B 202 4.31 -31.19 -8.90
CA MET B 202 4.63 -29.79 -9.06
C MET B 202 4.80 -29.15 -7.69
N LEU B 203 3.90 -29.49 -6.77
CA LEU B 203 3.97 -28.97 -5.41
C LEU B 203 5.29 -29.33 -4.75
N SER B 204 5.85 -30.48 -5.11
CA SER B 204 7.10 -30.93 -4.53
C SER B 204 8.27 -30.03 -4.91
N LEU B 205 8.04 -29.13 -5.85
CA LEU B 205 9.10 -28.23 -6.29
C LEU B 205 9.19 -26.95 -5.47
N LEU B 206 8.13 -26.63 -4.74
CA LEU B 206 8.09 -25.41 -3.94
C LEU B 206 9.26 -25.16 -2.99
N PRO B 207 9.66 -26.18 -2.22
CA PRO B 207 10.79 -25.96 -1.29
C PRO B 207 12.06 -25.45 -1.99
N GLU B 208 12.45 -26.10 -3.07
CA GLU B 208 13.65 -25.69 -3.80
C GLU B 208 13.46 -24.32 -4.44
N ILE B 209 12.27 -24.10 -5.01
CA ILE B 209 11.96 -22.83 -5.65
C ILE B 209 12.07 -21.72 -4.63
N LYS B 210 11.53 -21.97 -3.45
CA LYS B 210 11.55 -21.00 -2.36
C LYS B 210 12.98 -20.74 -1.89
N GLU B 211 13.73 -21.81 -1.63
CA GLU B 211 15.10 -21.67 -1.17
C GLU B 211 15.96 -20.92 -2.18
N GLN B 212 15.77 -21.23 -3.46
CA GLN B 212 16.53 -20.56 -4.52
C GLN B 212 15.91 -19.22 -4.93
N GLU B 213 14.83 -18.83 -4.26
CA GLU B 213 14.19 -17.57 -4.58
C GLU B 213 13.93 -17.50 -6.09
N LEU B 214 13.39 -18.59 -6.64
CA LEU B 214 13.12 -18.66 -8.08
C LEU B 214 11.73 -18.16 -8.49
N ALA B 215 10.84 -17.94 -7.52
CA ALA B 215 9.50 -17.45 -7.78
C ALA B 215 8.84 -16.95 -6.50
N SER B 216 7.98 -15.95 -6.62
N SER B 216 7.96 -15.95 -6.62
CA SER B 216 7.29 -15.37 -5.47
CA SER B 216 7.29 -15.40 -5.45
C SER B 216 5.79 -15.67 -5.47
C SER B 216 5.78 -15.69 -5.47
N PHE B 217 5.29 -16.21 -6.57
CA PHE B 217 3.86 -16.54 -6.70
C PHE B 217 3.64 -17.93 -7.31
N ALA B 218 2.44 -18.48 -7.05
CA ALA B 218 2.02 -19.76 -7.60
C ALA B 218 0.76 -19.47 -8.41
N ASP B 219 0.67 -20.05 -9.60
CA ASP B 219 -0.47 -19.83 -10.48
C ASP B 219 -0.99 -21.19 -10.95
N ILE B 220 -2.22 -21.22 -11.45
CA ILE B 220 -2.81 -22.46 -11.94
C ILE B 220 -3.92 -22.18 -12.95
N PHE B 221 -4.12 -23.12 -13.88
CA PHE B 221 -5.14 -22.98 -14.91
C PHE B 221 -6.38 -23.77 -14.51
N THR B 222 -7.34 -23.07 -13.92
CA THR B 222 -8.59 -23.67 -13.47
C THR B 222 -9.57 -23.56 -14.63
N GLU B 223 -9.67 -24.64 -15.40
CA GLU B 223 -10.51 -24.65 -16.59
C GLU B 223 -11.14 -26.02 -16.85
N THR B 224 -12.27 -26.00 -17.53
CA THR B 224 -12.96 -27.24 -17.87
C THR B 224 -11.96 -28.18 -18.54
N GLY B 225 -11.89 -29.41 -18.04
CA GLY B 225 -10.98 -30.39 -18.60
C GLY B 225 -9.59 -30.34 -18.01
N VAL B 226 -9.17 -29.16 -17.55
CA VAL B 226 -7.85 -29.02 -16.96
C VAL B 226 -7.97 -29.24 -15.45
N PHE B 227 -7.62 -28.25 -14.64
CA PHE B 227 -7.72 -28.43 -13.19
C PHE B 227 -9.03 -27.90 -12.60
N THR B 228 -9.59 -28.66 -11.68
CA THR B 228 -10.87 -28.29 -11.06
C THR B 228 -10.70 -27.30 -9.92
N VAL B 229 -11.84 -26.78 -9.44
CA VAL B 229 -11.82 -25.83 -8.33
C VAL B 229 -11.25 -26.46 -7.07
N SER B 230 -11.61 -27.71 -6.80
CA SER B 230 -11.12 -28.39 -5.61
C SER B 230 -9.62 -28.65 -5.70
N GLN B 231 -9.13 -29.03 -6.87
CA GLN B 231 -7.70 -29.28 -7.04
C GLN B 231 -6.95 -27.96 -6.90
N SER B 232 -7.54 -26.90 -7.41
CA SER B 232 -6.92 -25.58 -7.35
C SER B 232 -6.88 -25.03 -5.94
N ARG B 233 -7.94 -25.29 -5.18
CA ARG B 233 -7.98 -24.83 -3.79
C ARG B 233 -6.85 -25.52 -3.03
N ARG B 234 -6.80 -26.86 -3.11
CA ARG B 234 -5.76 -27.62 -2.42
C ARG B 234 -4.37 -27.19 -2.88
N TYR B 235 -4.21 -27.02 -4.19
CA TYR B 235 -2.93 -26.62 -4.76
C TYR B 235 -2.48 -25.25 -4.24
N LEU B 236 -3.33 -24.25 -4.41
CA LEU B 236 -3.01 -22.91 -3.97
C LEU B 236 -2.85 -22.77 -2.45
N GLN B 237 -3.68 -23.49 -1.68
CA GLN B 237 -3.57 -23.41 -0.22
C GLN B 237 -2.23 -23.96 0.23
N LYS B 238 -1.77 -25.02 -0.45
CA LYS B 238 -0.50 -25.65 -0.13
C LYS B 238 0.61 -24.66 -0.49
N ALA B 239 0.43 -23.96 -1.61
CA ALA B 239 1.41 -22.98 -2.07
C ALA B 239 1.50 -21.81 -1.10
N ALA B 240 0.38 -21.42 -0.53
CA ALA B 240 0.35 -20.33 0.43
C ALA B 240 1.08 -20.74 1.71
N GLU B 241 0.85 -21.97 2.15
CA GLU B 241 1.51 -22.47 3.36
C GLU B 241 3.03 -22.41 3.16
N ALA B 242 3.45 -22.52 1.92
CA ALA B 242 4.88 -22.48 1.58
C ALA B 242 5.36 -21.04 1.44
N GLY B 243 4.45 -20.09 1.65
CA GLY B 243 4.83 -18.69 1.57
C GLY B 243 4.67 -17.99 0.23
N PHE B 244 4.14 -18.68 -0.76
CA PHE B 244 3.96 -18.07 -2.08
C PHE B 244 2.68 -17.25 -2.18
N GLY B 245 2.75 -16.16 -2.93
CA GLY B 245 1.56 -15.35 -3.16
C GLY B 245 0.69 -16.15 -4.10
N LEU B 246 -0.60 -15.85 -4.18
CA LEU B 246 -1.50 -16.62 -5.04
C LEU B 246 -2.05 -15.87 -6.24
N LYS B 247 -2.07 -16.57 -7.37
CA LYS B 247 -2.59 -16.05 -8.63
C LYS B 247 -3.35 -17.18 -9.27
N ILE B 248 -4.23 -16.85 -10.22
CA ILE B 248 -5.00 -17.89 -10.87
C ILE B 248 -5.57 -17.44 -12.22
N HIS B 249 -5.57 -18.36 -13.18
CA HIS B 249 -6.15 -18.12 -14.49
C HIS B 249 -7.58 -18.59 -14.23
N ALA B 250 -8.47 -17.65 -13.96
CA ALA B 250 -9.85 -17.99 -13.64
C ALA B 250 -10.94 -17.59 -14.63
N ASP B 251 -11.94 -18.46 -14.74
CA ASP B 251 -13.11 -18.25 -15.59
C ASP B 251 -12.79 -17.65 -16.96
N GLU B 252 -11.86 -18.27 -17.68
CA GLU B 252 -11.49 -17.77 -18.99
C GLU B 252 -12.61 -17.96 -20.01
N ILE B 253 -13.49 -18.93 -19.76
CA ILE B 253 -14.61 -19.18 -20.67
C ILE B 253 -15.95 -19.13 -19.94
N ASP B 254 -16.11 -19.97 -18.92
CA ASP B 254 -17.37 -20.02 -18.17
C ASP B 254 -17.22 -19.61 -16.72
N PRO B 255 -18.36 -19.38 -16.03
CA PRO B 255 -18.33 -19.00 -14.61
C PRO B 255 -18.13 -20.27 -13.80
N LEU B 256 -16.90 -20.77 -13.77
CA LEU B 256 -16.57 -21.99 -13.06
C LEU B 256 -16.38 -21.77 -11.57
N GLY B 257 -16.39 -20.51 -11.15
CA GLY B 257 -16.21 -20.19 -9.76
C GLY B 257 -14.74 -19.92 -9.45
N GLY B 258 -13.97 -19.65 -10.48
CA GLY B 258 -12.56 -19.36 -10.30
C GLY B 258 -12.37 -18.06 -9.54
N ALA B 259 -13.15 -17.05 -9.91
CA ALA B 259 -13.07 -15.75 -9.26
C ALA B 259 -13.43 -15.91 -7.78
N GLU B 260 -14.53 -16.62 -7.51
CA GLU B 260 -14.96 -16.80 -6.14
C GLU B 260 -13.87 -17.45 -5.29
N LEU B 261 -13.23 -18.48 -5.83
CA LEU B 261 -12.17 -19.17 -5.11
C LEU B 261 -11.01 -18.23 -4.81
N ALA B 262 -10.61 -17.47 -5.83
CA ALA B 262 -9.51 -16.53 -5.68
C ALA B 262 -9.79 -15.55 -4.54
N GLY B 263 -11.01 -15.02 -4.52
CA GLY B 263 -11.38 -14.08 -3.47
C GLY B 263 -11.34 -14.74 -2.10
N LYS B 264 -11.83 -15.97 -2.03
CA LYS B 264 -11.86 -16.70 -0.77
C LYS B 264 -10.45 -17.01 -0.27
N LEU B 265 -9.52 -17.27 -1.20
CA LEU B 265 -8.16 -17.56 -0.81
C LEU B 265 -7.32 -16.30 -0.69
N LYS B 266 -7.98 -15.18 -0.95
N LYS B 266 -7.93 -15.14 -0.92
CA LYS B 266 -7.37 -13.86 -0.91
CA LYS B 266 -7.24 -13.87 -0.83
C LYS B 266 -6.13 -13.77 -1.78
C LYS B 266 -6.06 -13.80 -1.80
N ALA B 267 -6.27 -14.27 -3.01
CA ALA B 267 -5.23 -14.25 -4.02
C ALA B 267 -4.86 -12.81 -4.32
N VAL B 268 -3.62 -12.58 -4.76
CA VAL B 268 -3.21 -11.22 -5.09
C VAL B 268 -3.96 -10.80 -6.34
N SER B 269 -4.18 -11.75 -7.25
CA SER B 269 -4.91 -11.46 -8.48
C SER B 269 -5.61 -12.69 -9.06
N ALA B 270 -6.60 -12.41 -9.91
CA ALA B 270 -7.36 -13.43 -10.62
C ALA B 270 -7.28 -12.88 -12.04
N ASP B 271 -6.82 -13.70 -12.98
CA ASP B 271 -6.63 -13.24 -14.36
C ASP B 271 -7.55 -13.86 -15.42
N HIS B 272 -7.87 -13.05 -16.45
CA HIS B 272 -8.77 -13.41 -17.56
C HIS B 272 -10.19 -12.99 -17.15
N LEU B 273 -10.86 -13.85 -16.40
CA LEU B 273 -12.19 -13.56 -15.88
C LEU B 273 -13.28 -13.24 -16.90
N VAL B 274 -13.20 -13.80 -18.10
CA VAL B 274 -14.19 -13.53 -19.13
C VAL B 274 -15.58 -14.08 -18.80
N GLY B 275 -15.64 -15.27 -18.21
CA GLY B 275 -16.92 -15.85 -17.89
C GLY B 275 -17.36 -15.70 -16.44
N THR B 276 -16.63 -14.91 -15.67
CA THR B 276 -16.96 -14.72 -14.27
C THR B 276 -18.37 -14.23 -14.02
N SER B 277 -19.00 -14.81 -13.00
CA SER B 277 -20.35 -14.47 -12.60
C SER B 277 -20.36 -13.18 -11.77
N ASP B 278 -21.54 -12.67 -11.47
CA ASP B 278 -21.65 -11.47 -10.66
C ASP B 278 -21.16 -11.75 -9.24
N GLU B 279 -21.38 -12.98 -8.78
CA GLU B 279 -20.94 -13.37 -7.44
C GLU B 279 -19.42 -13.29 -7.40
N GLY B 280 -18.79 -13.83 -8.44
CA GLY B 280 -17.34 -13.81 -8.51
C GLY B 280 -16.84 -12.38 -8.44
N ILE B 281 -17.47 -11.49 -9.20
CA ILE B 281 -17.11 -10.08 -9.24
C ILE B 281 -17.18 -9.45 -7.84
N LYS B 282 -18.28 -9.69 -7.14
CA LYS B 282 -18.43 -9.14 -5.80
C LYS B 282 -17.38 -9.69 -4.85
N LYS B 283 -17.09 -10.98 -4.99
CA LYS B 283 -16.08 -11.63 -4.15
C LYS B 283 -14.72 -11.01 -4.39
N LEU B 284 -14.40 -10.70 -5.64
CA LEU B 284 -13.12 -10.09 -5.95
C LEU B 284 -13.00 -8.73 -5.28
N ALA B 285 -14.02 -7.90 -5.47
CA ALA B 285 -14.04 -6.56 -4.89
C ALA B 285 -13.92 -6.64 -3.38
N GLU B 286 -14.72 -7.53 -2.79
CA GLU B 286 -14.73 -7.72 -1.35
C GLU B 286 -13.37 -8.12 -0.79
N ALA B 287 -12.68 -9.02 -1.49
CA ALA B 287 -11.39 -9.51 -1.05
C ALA B 287 -10.22 -8.59 -1.40
N GLY B 288 -10.43 -7.70 -2.36
CA GLY B 288 -9.37 -6.79 -2.77
C GLY B 288 -8.44 -7.50 -3.73
N THR B 289 -8.93 -8.59 -4.33
CA THR B 289 -8.15 -9.34 -5.28
C THR B 289 -8.20 -8.53 -6.58
N ILE B 290 -7.04 -8.28 -7.16
CA ILE B 290 -6.98 -7.50 -8.39
C ILE B 290 -7.38 -8.32 -9.61
N ALA B 291 -8.28 -7.76 -10.41
CA ALA B 291 -8.76 -8.42 -11.61
C ALA B 291 -7.90 -8.01 -12.80
N VAL B 292 -7.02 -8.91 -13.21
CA VAL B 292 -6.15 -8.63 -14.35
C VAL B 292 -6.83 -9.08 -15.63
N LEU B 293 -7.33 -8.13 -16.41
CA LEU B 293 -8.01 -8.44 -17.65
C LEU B 293 -7.02 -8.59 -18.78
N LEU B 294 -7.28 -9.57 -19.66
CA LEU B 294 -6.40 -9.87 -20.78
C LEU B 294 -7.17 -9.74 -22.09
N PRO B 295 -7.48 -8.50 -22.50
CA PRO B 295 -8.22 -8.25 -23.74
C PRO B 295 -7.49 -8.73 -25.00
N GLY B 296 -6.17 -8.82 -24.91
CA GLY B 296 -5.40 -9.28 -26.06
C GLY B 296 -5.73 -10.74 -26.36
N THR B 297 -5.85 -11.55 -25.31
CA THR B 297 -6.16 -12.96 -25.46
C THR B 297 -7.54 -13.15 -26.07
N THR B 298 -8.50 -12.37 -25.60
CA THR B 298 -9.86 -12.46 -26.13
C THR B 298 -9.84 -12.13 -27.62
N PHE B 299 -9.17 -11.04 -27.96
CA PHE B 299 -9.05 -10.59 -29.33
C PHE B 299 -8.35 -11.64 -30.19
N TYR B 300 -7.28 -12.21 -29.67
CA TYR B 300 -6.51 -13.19 -30.41
C TYR B 300 -7.24 -14.51 -30.64
N LEU B 301 -8.12 -14.85 -29.71
CA LEU B 301 -8.90 -16.08 -29.84
C LEU B 301 -9.96 -15.89 -30.91
N GLY B 302 -10.05 -14.68 -31.44
CA GLY B 302 -11.02 -14.39 -32.48
C GLY B 302 -12.42 -14.20 -31.96
N LYS B 303 -12.52 -13.89 -30.68
CA LYS B 303 -13.81 -13.67 -30.04
C LYS B 303 -14.12 -12.19 -29.94
N SER B 304 -15.35 -11.85 -29.58
CA SER B 304 -15.75 -10.46 -29.44
C SER B 304 -16.46 -10.17 -28.13
N THR B 305 -16.61 -11.19 -27.30
CA THR B 305 -17.22 -11.00 -25.99
C THR B 305 -16.08 -10.91 -24.99
N TYR B 306 -15.85 -9.70 -24.50
CA TYR B 306 -14.78 -9.43 -23.55
C TYR B 306 -15.23 -9.47 -22.10
N ALA B 307 -14.26 -9.43 -21.18
CA ALA B 307 -14.56 -9.44 -19.76
C ALA B 307 -15.42 -8.22 -19.43
N ARG B 308 -16.27 -8.35 -18.42
CA ARG B 308 -17.15 -7.25 -18.03
C ARG B 308 -16.44 -6.24 -17.14
N ALA B 309 -15.50 -5.51 -17.74
CA ALA B 309 -14.72 -4.51 -17.03
C ALA B 309 -15.57 -3.42 -16.37
N ARG B 310 -16.58 -2.93 -17.09
CA ARG B 310 -17.43 -1.87 -16.54
C ARG B 310 -18.17 -2.37 -15.31
N ALA B 311 -18.73 -3.57 -15.39
CA ALA B 311 -19.45 -4.14 -14.25
C ALA B 311 -18.50 -4.29 -13.08
N MET B 312 -17.28 -4.73 -13.35
CA MET B 312 -16.28 -4.91 -12.29
C MET B 312 -15.96 -3.57 -11.62
N ILE B 313 -15.69 -2.55 -12.43
CA ILE B 313 -15.37 -1.24 -11.88
C ILE B 313 -16.57 -0.66 -11.13
N ASP B 314 -17.78 -0.87 -11.66
CA ASP B 314 -19.00 -0.37 -11.01
C ASP B 314 -19.12 -1.00 -9.62
N GLU B 315 -18.66 -2.24 -9.51
CA GLU B 315 -18.73 -3.00 -8.28
C GLU B 315 -17.58 -2.77 -7.29
N GLY B 316 -16.63 -1.92 -7.64
CA GLY B 316 -15.54 -1.65 -6.71
C GLY B 316 -14.33 -2.57 -6.84
N VAL B 317 -14.21 -3.23 -7.99
CA VAL B 317 -13.09 -4.12 -8.20
C VAL B 317 -11.89 -3.32 -8.70
N CYS B 318 -10.70 -3.76 -8.32
N CYS B 318 -10.70 -3.76 -8.33
CA CYS B 318 -9.46 -3.11 -8.76
CA CYS B 318 -9.48 -3.11 -8.78
C CYS B 318 -9.10 -3.81 -10.06
C CYS B 318 -9.11 -3.82 -10.07
N VAL B 319 -9.16 -3.08 -11.18
CA VAL B 319 -8.85 -3.67 -12.48
C VAL B 319 -7.45 -3.34 -13.00
N SER B 320 -6.84 -4.33 -13.66
CA SER B 320 -5.53 -4.15 -14.26
C SER B 320 -5.61 -4.73 -15.67
N LEU B 321 -4.53 -4.55 -16.43
CA LEU B 321 -4.45 -5.03 -17.80
C LEU B 321 -3.07 -5.62 -18.06
N ALA B 322 -2.96 -6.50 -19.04
CA ALA B 322 -1.69 -7.12 -19.40
C ALA B 322 -1.75 -7.71 -20.81
N THR B 323 -0.59 -8.03 -21.36
CA THR B 323 -0.52 -8.60 -22.70
C THR B 323 -0.78 -10.10 -22.71
N ASP B 324 -0.49 -10.76 -21.58
CA ASP B 324 -0.62 -12.21 -21.49
C ASP B 324 0.29 -12.76 -22.57
N PHE B 325 1.40 -12.06 -22.81
CA PHE B 325 2.34 -12.47 -23.84
C PHE B 325 2.69 -13.94 -23.73
N ASN B 326 2.24 -14.69 -24.73
CA ASN B 326 2.49 -16.12 -24.78
C ASN B 326 2.26 -16.54 -26.25
N PRO B 327 3.01 -17.55 -26.71
CA PRO B 327 2.90 -18.04 -28.09
C PRO B 327 1.56 -18.62 -28.53
N GLY B 328 0.77 -19.08 -27.58
CA GLY B 328 -0.50 -19.70 -27.90
C GLY B 328 -1.78 -18.91 -28.01
N SER B 329 -1.99 -17.94 -27.13
CA SER B 329 -3.23 -17.19 -27.16
C SER B 329 -3.11 -15.67 -27.13
N SER B 330 -1.89 -15.16 -27.11
CA SER B 330 -1.70 -13.72 -27.13
C SER B 330 -0.24 -13.37 -27.40
N PRO B 331 0.23 -13.68 -28.61
CA PRO B 331 1.62 -13.39 -28.96
C PRO B 331 1.89 -11.94 -29.34
N THR B 332 1.85 -11.04 -28.35
CA THR B 332 2.16 -9.64 -28.56
C THR B 332 2.83 -9.07 -27.33
N GLU B 333 3.89 -8.28 -27.56
CA GLU B 333 4.63 -7.64 -26.47
C GLU B 333 4.09 -6.21 -26.30
N ASN B 334 3.29 -5.76 -27.25
CA ASN B 334 2.75 -4.40 -27.27
C ASN B 334 1.67 -4.05 -26.23
N ILE B 335 2.11 -3.67 -25.04
CA ILE B 335 1.20 -3.29 -23.97
C ILE B 335 0.34 -2.08 -24.37
N GLN B 336 0.84 -1.28 -25.31
CA GLN B 336 0.08 -0.11 -25.77
C GLN B 336 -1.16 -0.56 -26.55
N LEU B 337 -1.03 -1.64 -27.32
CA LEU B 337 -2.17 -2.15 -28.08
C LEU B 337 -3.19 -2.66 -27.07
N ILE B 338 -2.71 -3.24 -25.98
CA ILE B 338 -3.60 -3.73 -24.94
C ILE B 338 -4.41 -2.56 -24.39
N MET B 339 -3.75 -1.42 -24.24
CA MET B 339 -4.42 -0.23 -23.74
C MET B 339 -5.50 0.20 -24.72
N SER B 340 -5.22 0.10 -26.02
CA SER B 340 -6.20 0.47 -27.04
C SER B 340 -7.38 -0.50 -27.01
N ILE B 341 -7.12 -1.80 -26.96
CA ILE B 341 -8.20 -2.77 -26.92
C ILE B 341 -9.04 -2.53 -25.68
N ALA B 342 -8.40 -2.13 -24.59
CA ALA B 342 -9.11 -1.86 -23.35
C ALA B 342 -10.14 -0.75 -23.58
N ALA B 343 -9.72 0.31 -24.26
CA ALA B 343 -10.62 1.43 -24.51
C ALA B 343 -11.75 1.06 -25.47
N LEU B 344 -11.37 0.47 -26.60
CA LEU B 344 -12.33 0.11 -27.64
C LEU B 344 -13.24 -1.08 -27.35
N HIS B 345 -12.76 -2.06 -26.57
CA HIS B 345 -13.57 -3.24 -26.30
C HIS B 345 -13.90 -3.55 -24.85
N LEU B 346 -13.10 -3.07 -23.92
CA LEU B 346 -13.40 -3.29 -22.51
C LEU B 346 -14.20 -2.09 -22.01
N LYS B 347 -14.32 -1.10 -22.87
CA LYS B 347 -15.06 0.12 -22.56
C LYS B 347 -14.54 0.84 -21.34
N MET B 348 -13.21 0.91 -21.22
CA MET B 348 -12.59 1.62 -20.10
C MET B 348 -12.14 2.98 -20.60
N THR B 349 -12.14 3.97 -19.71
CA THR B 349 -11.73 5.32 -20.09
C THR B 349 -10.21 5.38 -20.10
N ALA B 350 -9.67 6.41 -20.74
CA ALA B 350 -8.23 6.59 -20.80
C ALA B 350 -7.67 6.66 -19.38
N GLU B 351 -8.40 7.33 -18.49
CA GLU B 351 -7.95 7.46 -17.10
C GLU B 351 -7.82 6.11 -16.40
N GLU B 352 -8.86 5.28 -16.52
CA GLU B 352 -8.86 3.97 -15.89
C GLU B 352 -7.76 3.09 -16.48
N ILE B 353 -7.57 3.18 -17.79
CA ILE B 353 -6.56 2.40 -18.47
C ILE B 353 -5.15 2.71 -17.94
N TRP B 354 -4.85 3.99 -17.78
CA TRP B 354 -3.55 4.38 -17.27
C TRP B 354 -3.27 3.87 -15.85
N HIS B 355 -4.26 3.93 -14.97
CA HIS B 355 -4.08 3.42 -13.61
C HIS B 355 -3.94 1.90 -13.69
N ALA B 356 -4.59 1.30 -14.68
CA ALA B 356 -4.57 -0.15 -14.86
C ALA B 356 -3.18 -0.67 -15.21
N VAL B 357 -2.46 0.04 -16.08
CA VAL B 357 -1.14 -0.41 -16.49
C VAL B 357 0.03 0.14 -15.66
N THR B 358 -0.27 0.83 -14.57
CA THR B 358 0.80 1.33 -13.72
C THR B 358 0.55 0.91 -12.28
N VAL B 359 -0.20 1.69 -11.53
CA VAL B 359 -0.49 1.38 -10.13
C VAL B 359 -1.13 0.00 -9.91
N ASN B 360 -2.24 -0.26 -10.57
CA ASN B 360 -2.92 -1.53 -10.35
C ASN B 360 -2.10 -2.73 -10.82
N ALA B 361 -1.39 -2.56 -11.93
CA ALA B 361 -0.56 -3.64 -12.46
C ALA B 361 0.55 -3.92 -11.45
N ALA B 362 1.08 -2.86 -10.85
CA ALA B 362 2.14 -3.01 -9.86
C ALA B 362 1.67 -3.81 -8.65
N TYR B 363 0.53 -3.43 -8.07
CA TYR B 363 0.02 -4.16 -6.92
C TYR B 363 -0.38 -5.60 -7.28
N ALA B 364 -0.80 -5.81 -8.53
CA ALA B 364 -1.19 -7.14 -8.97
C ALA B 364 -0.03 -8.13 -8.88
N ILE B 365 1.19 -7.63 -8.74
CA ILE B 365 2.36 -8.51 -8.68
C ILE B 365 3.28 -8.25 -7.47
N GLY B 366 2.70 -7.68 -6.41
CA GLY B 366 3.46 -7.41 -5.20
C GLY B 366 4.47 -6.29 -5.30
N LYS B 367 4.34 -5.45 -6.32
CA LYS B 367 5.27 -4.34 -6.51
C LYS B 367 4.63 -2.96 -6.37
N GLY B 368 3.46 -2.92 -5.71
CA GLY B 368 2.75 -1.67 -5.52
C GLY B 368 3.58 -0.57 -4.89
N GLU B 369 4.54 -0.93 -4.06
CA GLU B 369 5.38 0.07 -3.41
C GLU B 369 6.69 0.35 -4.13
N GLU B 370 6.89 -0.32 -5.26
CA GLU B 370 8.13 -0.15 -6.00
C GLU B 370 8.00 0.37 -7.44
N ALA B 371 6.89 0.07 -8.09
CA ALA B 371 6.69 0.48 -9.47
C ALA B 371 5.35 1.16 -9.71
N GLY B 372 5.19 1.69 -10.93
CA GLY B 372 3.95 2.32 -11.31
C GLY B 372 3.69 3.73 -10.83
N GLN B 373 4.66 4.34 -10.16
CA GLN B 373 4.46 5.70 -9.64
C GLN B 373 5.72 6.55 -9.68
N LEU B 374 5.54 7.83 -9.99
CA LEU B 374 6.66 8.76 -10.03
C LEU B 374 6.53 9.73 -8.85
N LYS B 375 7.17 9.38 -7.74
CA LYS B 375 7.14 10.22 -6.55
C LYS B 375 8.42 9.98 -5.77
N ALA B 376 8.70 10.88 -4.83
CA ALA B 376 9.92 10.79 -4.04
C ALA B 376 10.22 9.40 -3.51
N GLY B 377 11.45 8.93 -3.74
CA GLY B 377 11.86 7.62 -3.26
C GLY B 377 11.77 6.47 -4.25
N ARG B 378 10.88 6.59 -5.24
CA ARG B 378 10.70 5.54 -6.23
C ARG B 378 11.85 5.46 -7.22
N SER B 379 12.12 4.25 -7.71
CA SER B 379 13.15 4.05 -8.71
C SER B 379 12.76 4.91 -9.90
N ALA B 380 13.74 5.59 -10.49
CA ALA B 380 13.48 6.47 -11.62
C ALA B 380 13.17 5.69 -12.91
N ASP B 381 11.96 5.15 -12.99
CA ASP B 381 11.52 4.39 -14.16
C ASP B 381 10.38 5.18 -14.82
N LEU B 382 10.62 5.65 -16.03
CA LEU B 382 9.61 6.43 -16.71
C LEU B 382 9.71 6.32 -18.22
N VAL B 383 8.71 6.88 -18.89
CA VAL B 383 8.67 6.87 -20.34
C VAL B 383 8.34 8.27 -20.84
N ILE B 384 9.08 8.73 -21.83
CA ILE B 384 8.81 10.03 -22.43
C ILE B 384 8.12 9.60 -23.71
N TRP B 385 6.89 10.07 -23.91
CA TRP B 385 6.11 9.67 -25.08
C TRP B 385 6.10 10.63 -26.28
N GLN B 386 5.88 10.08 -27.46
CA GLN B 386 5.78 10.87 -28.69
C GLN B 386 4.30 11.24 -28.78
N ALA B 387 3.83 12.02 -27.82
CA ALA B 387 2.43 12.43 -27.79
C ALA B 387 2.31 13.60 -26.83
N PRO B 388 1.37 14.51 -27.10
CA PRO B 388 1.16 15.69 -26.25
C PRO B 388 0.33 15.39 -25.00
N ASN B 389 -0.56 14.39 -25.09
CA ASN B 389 -1.40 14.07 -23.95
C ASN B 389 -1.61 12.56 -23.77
N TYR B 390 -2.16 12.18 -22.62
CA TYR B 390 -2.37 10.78 -22.28
C TYR B 390 -3.51 10.09 -23.03
N MET B 391 -4.48 10.85 -23.53
CA MET B 391 -5.59 10.27 -24.27
C MET B 391 -5.13 9.76 -25.64
N TYR B 392 -4.09 10.38 -26.17
CA TYR B 392 -3.56 10.01 -27.48
C TYR B 392 -3.01 8.59 -27.58
N ILE B 393 -2.37 8.10 -26.52
CA ILE B 393 -1.79 6.77 -26.53
C ILE B 393 -2.79 5.66 -26.89
N PRO B 394 -3.83 5.48 -26.07
CA PRO B 394 -4.79 4.42 -26.42
C PRO B 394 -5.54 4.73 -27.72
N TYR B 395 -5.73 6.01 -28.00
CA TYR B 395 -6.42 6.49 -29.20
C TYR B 395 -5.81 6.01 -30.52
N HIS B 396 -4.51 6.27 -30.69
CA HIS B 396 -3.78 5.88 -31.91
C HIS B 396 -3.20 4.49 -31.66
N TYR B 397 -3.76 3.50 -32.36
CA TYR B 397 -3.38 2.10 -32.12
C TYR B 397 -2.42 1.36 -33.04
N GLY B 398 -1.96 0.22 -32.53
CA GLY B 398 -1.10 -0.69 -33.27
C GLY B 398 0.35 -0.32 -33.45
N VAL B 399 0.76 0.81 -32.89
CA VAL B 399 2.13 1.23 -33.05
C VAL B 399 2.86 1.41 -31.73
N ASN B 400 4.01 2.06 -31.79
CA ASN B 400 4.80 2.31 -30.59
C ASN B 400 4.98 3.80 -30.45
N HIS B 401 4.36 4.37 -29.43
CA HIS B 401 4.45 5.81 -29.20
C HIS B 401 5.64 6.19 -28.33
N VAL B 402 6.46 5.22 -27.96
CA VAL B 402 7.61 5.52 -27.12
C VAL B 402 8.65 6.42 -27.77
N HIS B 403 9.10 7.42 -27.02
CA HIS B 403 10.16 8.30 -27.50
C HIS B 403 11.43 7.80 -26.80
N GLN B 404 11.38 7.73 -25.47
CA GLN B 404 12.51 7.24 -24.68
C GLN B 404 12.02 6.52 -23.43
N VAL B 405 12.73 5.47 -23.02
CA VAL B 405 12.36 4.75 -21.80
C VAL B 405 13.52 4.88 -20.82
N MET B 406 13.22 5.23 -19.58
CA MET B 406 14.24 5.38 -18.56
C MET B 406 14.07 4.35 -17.45
N LYS B 407 15.16 3.69 -17.07
CA LYS B 407 15.11 2.71 -15.98
C LYS B 407 16.23 3.07 -15.00
N ASN B 408 15.88 3.17 -13.73
CA ASN B 408 16.84 3.51 -12.69
C ASN B 408 17.58 4.81 -13.00
N GLY B 409 16.89 5.77 -13.59
CA GLY B 409 17.51 7.05 -13.91
C GLY B 409 18.37 7.12 -15.16
N THR B 410 18.38 6.06 -15.95
CA THR B 410 19.18 6.04 -17.17
C THR B 410 18.33 5.69 -18.39
N ILE B 411 18.53 6.41 -19.50
CA ILE B 411 17.80 6.13 -20.72
C ILE B 411 18.28 4.78 -21.24
N VAL B 412 17.35 3.83 -21.36
CA VAL B 412 17.68 2.49 -21.84
C VAL B 412 17.07 2.22 -23.21
N VAL B 413 16.20 3.13 -23.66
CA VAL B 413 15.57 3.02 -24.97
C VAL B 413 15.50 4.43 -25.55
N ASN B 414 16.06 4.63 -26.73
CA ASN B 414 16.06 5.94 -27.36
C ASN B 414 15.54 5.83 -28.79
N ARG B 415 14.31 6.29 -29.01
CA ARG B 415 13.71 6.23 -30.34
C ARG B 415 13.58 7.61 -30.97
#